data_2N1U
#
_entry.id   2N1U
#
loop_
_entity.id
_entity.type
_entity.pdbx_description
1 polymer 'Histone deacetylase complex subunit SAP30L'
2 non-polymer 'ZINC ION'
#
_entity_poly.entity_id   1
_entity_poly.type   'polypeptide(L)'
_entity_poly.pdbx_seq_one_letter_code
;GSYGQSCCLIEDGERCVRPAGNASFSKRVQKSISQKKLKLDIDKSVRHLYICDFHKNFIQSVRNKRKRKT
;
_entity_poly.pdbx_strand_id   A
#
loop_
_chem_comp.id
_chem_comp.type
_chem_comp.name
_chem_comp.formula
ZN non-polymer 'ZINC ION' 'Zn 2'
#
# COMPACT_ATOMS: atom_id res chain seq x y z
N GLY A 1 -3.32 -16.90 -12.28
CA GLY A 1 -3.15 -16.71 -13.75
C GLY A 1 -2.96 -15.23 -13.96
N SER A 2 -3.56 -14.62 -14.99
CA SER A 2 -3.53 -13.15 -15.12
C SER A 2 -4.23 -12.54 -13.88
N TYR A 3 -5.40 -13.11 -13.52
CA TYR A 3 -6.11 -12.77 -12.30
C TYR A 3 -5.34 -13.30 -11.07
N GLY A 4 -5.30 -12.49 -10.00
CA GLY A 4 -4.64 -12.80 -8.74
C GLY A 4 -4.88 -11.72 -7.67
N GLN A 5 -5.84 -11.95 -6.77
CA GLN A 5 -6.17 -11.06 -5.64
C GLN A 5 -5.04 -11.03 -4.59
N SER A 6 -4.01 -10.28 -4.94
CA SER A 6 -2.82 -9.99 -4.15
C SER A 6 -2.50 -8.51 -4.27
N CYS A 7 -1.55 -8.04 -3.46
CA CYS A 7 -1.11 -6.65 -3.39
C CYS A 7 -0.63 -6.10 -4.76
N CYS A 8 -0.37 -4.79 -4.81
CA CYS A 8 0.20 -4.08 -5.95
C CYS A 8 1.40 -3.23 -5.56
N LEU A 9 1.77 -3.26 -4.28
CA LEU A 9 2.87 -2.48 -3.74
C LEU A 9 4.20 -3.21 -3.85
N ILE A 10 5.27 -2.44 -3.71
CA ILE A 10 6.66 -2.90 -3.71
C ILE A 10 7.34 -2.18 -2.57
N GLU A 11 8.06 -2.88 -1.69
CA GLU A 11 8.80 -2.24 -0.61
C GLU A 11 10.26 -2.66 -0.60
N ASP A 12 11.12 -1.66 -0.79
CA ASP A 12 12.58 -1.71 -0.99
C ASP A 12 13.03 -2.55 -2.22
N GLY A 13 12.05 -3.09 -2.97
CA GLY A 13 12.19 -3.94 -4.16
C GLY A 13 11.43 -5.26 -4.01
N GLU A 14 11.06 -5.64 -2.78
CA GLU A 14 10.21 -6.81 -2.56
C GLU A 14 8.80 -6.47 -3.07
N ARG A 15 8.45 -7.02 -4.23
CA ARG A 15 7.10 -6.91 -4.78
C ARG A 15 6.17 -7.68 -3.83
N CYS A 16 5.39 -6.96 -3.05
CA CYS A 16 4.49 -7.51 -2.05
C CYS A 16 3.56 -8.57 -2.67
N VAL A 17 3.55 -9.77 -2.09
CA VAL A 17 2.73 -10.92 -2.54
C VAL A 17 1.66 -11.32 -1.53
N ARG A 18 1.48 -10.55 -0.46
CA ARG A 18 0.40 -10.78 0.51
C ARG A 18 -0.99 -10.74 -0.16
N PRO A 19 -1.97 -11.52 0.34
CA PRO A 19 -3.31 -11.59 -0.23
C PRO A 19 -4.05 -10.26 -0.07
N ALA A 20 -4.79 -9.86 -1.11
CA ALA A 20 -5.54 -8.62 -1.11
C ALA A 20 -7.02 -8.84 -0.76
N GLY A 21 -7.56 -7.93 0.05
CA GLY A 21 -8.96 -7.89 0.45
C GLY A 21 -9.67 -6.67 -0.14
N ASN A 22 -10.53 -6.03 0.66
CA ASN A 22 -11.22 -4.79 0.30
C ASN A 22 -10.30 -3.57 0.07
N ALA A 23 -9.04 -3.64 0.53
CA ALA A 23 -8.07 -2.57 0.43
C ALA A 23 -7.59 -2.34 -1.03
N SER A 24 -7.49 -1.06 -1.41
CA SER A 24 -7.08 -0.62 -2.75
C SER A 24 -6.20 0.64 -2.70
N PHE A 25 -5.67 1.09 -3.85
CA PHE A 25 -4.70 2.19 -3.97
C PHE A 25 -5.26 3.36 -4.80
N SER A 26 -6.11 4.19 -4.18
CA SER A 26 -6.67 5.35 -4.89
C SER A 26 -5.67 6.51 -5.05
N LYS A 27 -5.97 7.42 -5.98
CA LYS A 27 -5.20 8.68 -6.20
C LYS A 27 -5.13 9.63 -4.99
N ARG A 28 -5.83 9.32 -3.89
CA ARG A 28 -5.76 10.06 -2.62
C ARG A 28 -4.65 9.51 -1.71
N VAL A 29 -4.45 8.18 -1.73
CA VAL A 29 -3.43 7.48 -0.93
C VAL A 29 -2.03 7.98 -1.27
N GLN A 30 -1.74 8.10 -2.57
CA GLN A 30 -0.51 8.64 -3.15
C GLN A 30 0.05 9.84 -2.37
N LYS A 31 -0.74 10.89 -2.15
CA LYS A 31 -0.30 12.12 -1.48
C LYS A 31 0.18 11.88 -0.03
N SER A 32 -0.44 10.95 0.68
CA SER A 32 -0.06 10.54 2.04
C SER A 32 1.31 9.85 2.09
N ILE A 33 1.71 9.20 0.99
CA ILE A 33 3.00 8.52 0.86
C ILE A 33 4.06 9.50 0.35
N SER A 34 3.73 10.33 -0.65
CA SER A 34 4.62 11.38 -1.20
C SER A 34 5.11 12.34 -0.12
N GLN A 35 4.20 12.79 0.77
CA GLN A 35 4.54 13.63 1.92
C GLN A 35 5.34 12.89 3.01
N LYS A 36 5.59 11.59 2.86
CA LYS A 36 6.32 10.73 3.80
C LYS A 36 7.57 10.07 3.18
N LYS A 37 7.74 10.16 1.86
CA LYS A 37 8.88 9.66 1.07
C LYS A 37 9.29 8.21 1.39
N LEU A 38 8.29 7.35 1.60
CA LEU A 38 8.48 5.91 1.81
C LEU A 38 8.95 5.20 0.52
N LYS A 39 9.61 4.05 0.69
CA LYS A 39 10.09 3.13 -0.36
C LYS A 39 8.95 2.28 -0.98
N LEU A 40 7.74 2.84 -1.10
CA LEU A 40 6.53 2.10 -1.50
C LEU A 40 6.12 2.36 -2.98
N ASP A 41 6.64 1.55 -3.90
CA ASP A 41 6.40 1.66 -5.36
C ASP A 41 5.19 0.82 -5.83
N ILE A 42 4.84 0.89 -7.12
CA ILE A 42 3.64 0.28 -7.71
C ILE A 42 3.95 -0.70 -8.85
N ASP A 43 3.50 -1.94 -8.66
CA ASP A 43 3.55 -3.01 -9.64
C ASP A 43 2.60 -2.78 -10.83
N LYS A 44 3.21 -2.36 -11.93
CA LYS A 44 2.54 -2.14 -13.21
C LYS A 44 2.31 -3.44 -14.01
N SER A 45 2.90 -4.58 -13.61
CA SER A 45 2.76 -5.88 -14.29
C SER A 45 1.31 -6.38 -14.31
N VAL A 46 0.63 -6.40 -13.16
CA VAL A 46 -0.80 -6.77 -13.06
C VAL A 46 -1.72 -5.57 -13.36
N ARG A 47 -1.16 -4.37 -13.55
CA ARG A 47 -1.84 -3.08 -13.83
C ARG A 47 -3.14 -2.89 -13.01
N HIS A 48 -3.08 -3.25 -11.72
CA HIS A 48 -4.21 -3.25 -10.78
C HIS A 48 -3.92 -2.39 -9.54
N LEU A 49 -4.95 -2.03 -8.79
CA LEU A 49 -4.88 -1.11 -7.64
C LEU A 49 -5.35 -1.76 -6.33
N TYR A 50 -5.10 -3.06 -6.14
CA TYR A 50 -5.40 -3.77 -4.89
C TYR A 50 -4.19 -3.79 -3.95
N ILE A 51 -4.40 -3.79 -2.64
CA ILE A 51 -3.31 -3.91 -1.67
C ILE A 51 -3.66 -4.93 -0.58
N CYS A 52 -2.65 -5.50 0.06
CA CYS A 52 -2.84 -6.37 1.22
C CYS A 52 -3.19 -5.54 2.47
N ASP A 53 -3.91 -6.15 3.41
CA ASP A 53 -4.34 -5.45 4.63
C ASP A 53 -3.16 -5.06 5.55
N PHE A 54 -2.02 -5.75 5.43
CA PHE A 54 -0.78 -5.43 6.12
C PHE A 54 -0.28 -4.04 5.66
N HIS A 55 -0.24 -3.82 4.34
CA HIS A 55 0.08 -2.52 3.76
C HIS A 55 -1.02 -1.47 3.99
N LYS A 56 -2.30 -1.87 4.04
CA LYS A 56 -3.41 -0.96 4.39
C LYS A 56 -3.16 -0.31 5.76
N ASN A 57 -2.79 -1.09 6.77
CA ASN A 57 -2.47 -0.55 8.10
C ASN A 57 -1.21 0.32 8.04
N PHE A 58 -0.15 -0.07 7.30
CA PHE A 58 1.10 0.69 7.21
C PHE A 58 0.90 2.16 6.83
N ILE A 59 0.12 2.43 5.77
CA ILE A 59 -0.18 3.81 5.33
C ILE A 59 -1.14 4.52 6.33
N GLN A 60 -1.92 3.78 7.10
CA GLN A 60 -2.76 4.32 8.17
C GLN A 60 -1.94 4.60 9.45
N SER A 61 -0.82 3.90 9.66
CA SER A 61 0.12 4.10 10.76
C SER A 61 0.79 5.48 10.68
N VAL A 62 1.17 5.95 9.49
CA VAL A 62 1.79 7.28 9.32
C VAL A 62 0.88 8.48 9.63
N ARG A 63 -0.42 8.23 9.85
CA ARG A 63 -1.44 9.21 10.29
C ARG A 63 -1.66 9.19 11.81
N ASN A 64 -1.18 8.14 12.47
CA ASN A 64 -1.26 7.92 13.91
C ASN A 64 0.07 8.36 14.58
N LYS A 65 0.44 7.73 15.70
CA LYS A 65 1.62 8.07 16.48
C LYS A 65 2.18 6.82 17.16
N ARG A 66 3.51 6.68 17.21
CA ARG A 66 4.20 5.57 17.92
C ARG A 66 3.97 5.53 19.44
N LYS A 67 3.36 6.57 20.03
CA LYS A 67 2.98 6.60 21.44
C LYS A 67 1.68 5.79 21.64
N ARG A 68 1.80 4.67 22.37
CA ARG A 68 0.71 3.77 22.81
C ARG A 68 -0.42 4.51 23.54
N LYS A 69 -1.55 3.82 23.77
CA LYS A 69 -2.72 4.32 24.49
C LYS A 69 -3.11 3.39 25.64
N THR A 70 -3.81 3.93 26.64
CA THR A 70 -4.40 3.15 27.74
C THR A 70 -5.66 2.40 27.25
ZN ZN B . 1.26 -5.38 0.42
N GLY A 1 -10.44 -16.32 -16.20
CA GLY A 1 -9.96 -16.79 -14.89
C GLY A 1 -10.09 -15.69 -13.87
N SER A 2 -9.50 -15.84 -12.68
CA SER A 2 -9.44 -14.79 -11.66
C SER A 2 -8.47 -13.67 -12.05
N TYR A 3 -8.57 -12.50 -11.40
CA TYR A 3 -7.78 -11.31 -11.72
C TYR A 3 -6.64 -11.02 -10.72
N GLY A 4 -6.08 -12.10 -10.16
CA GLY A 4 -4.93 -12.04 -9.25
C GLY A 4 -5.12 -11.12 -8.04
N GLN A 5 -6.15 -11.37 -7.21
CA GLN A 5 -6.53 -10.55 -6.04
C GLN A 5 -5.50 -10.59 -4.89
N SER A 6 -4.33 -10.03 -5.15
CA SER A 6 -3.21 -9.84 -4.23
C SER A 6 -2.75 -8.38 -4.33
N CYS A 7 -1.86 -7.98 -3.42
CA CYS A 7 -1.25 -6.66 -3.38
C CYS A 7 -0.59 -6.25 -4.72
N CYS A 8 -0.23 -4.98 -4.80
CA CYS A 8 0.42 -4.38 -5.97
C CYS A 8 1.51 -3.38 -5.59
N LEU A 9 1.73 -3.21 -4.29
CA LEU A 9 2.82 -2.40 -3.77
C LEU A 9 4.13 -3.18 -3.84
N ILE A 10 5.21 -2.44 -3.72
CA ILE A 10 6.58 -2.92 -3.65
C ILE A 10 7.18 -2.19 -2.45
N GLU A 11 7.91 -2.87 -1.59
CA GLU A 11 8.60 -2.24 -0.46
C GLU A 11 10.05 -2.72 -0.40
N ASP A 12 10.97 -1.75 -0.39
CA ASP A 12 12.43 -1.95 -0.47
C ASP A 12 12.93 -2.57 -1.79
N GLY A 13 12.00 -2.95 -2.67
CA GLY A 13 12.20 -3.67 -3.93
C GLY A 13 11.53 -5.04 -3.92
N GLU A 14 11.13 -5.55 -2.75
CA GLU A 14 10.36 -6.78 -2.63
C GLU A 14 8.93 -6.49 -3.08
N ARG A 15 8.41 -7.34 -3.98
CA ARG A 15 7.08 -7.17 -4.55
C ARG A 15 6.08 -7.83 -3.60
N CYS A 16 5.30 -7.03 -2.87
CA CYS A 16 4.28 -7.53 -1.95
C CYS A 16 3.33 -8.53 -2.65
N VAL A 17 3.15 -9.71 -2.06
CA VAL A 17 2.32 -10.81 -2.60
C VAL A 17 1.17 -11.21 -1.68
N ARG A 18 0.94 -10.49 -0.58
CA ARG A 18 -0.19 -10.77 0.33
C ARG A 18 -1.54 -10.69 -0.40
N PRO A 19 -2.57 -11.45 0.05
CA PRO A 19 -3.90 -11.40 -0.55
C PRO A 19 -4.54 -10.02 -0.37
N ALA A 20 -5.18 -9.53 -1.42
CA ALA A 20 -5.91 -8.26 -1.40
C ALA A 20 -7.36 -8.46 -0.93
N GLY A 21 -7.88 -7.47 -0.21
CA GLY A 21 -9.25 -7.47 0.35
C GLY A 21 -9.98 -6.16 0.12
N ASN A 22 -10.61 -5.61 1.16
CA ASN A 22 -11.26 -4.29 1.16
C ASN A 22 -10.25 -3.11 1.07
N ALA A 23 -9.09 -3.33 0.46
CA ALA A 23 -7.96 -2.45 0.38
C ALA A 23 -7.54 -2.23 -1.08
N SER A 24 -7.51 -0.98 -1.50
CA SER A 24 -7.16 -0.57 -2.87
C SER A 24 -6.26 0.67 -2.86
N PHE A 25 -5.69 1.01 -4.03
CA PHE A 25 -4.71 2.10 -4.18
C PHE A 25 -5.22 3.28 -5.02
N SER A 26 -6.25 3.94 -4.50
CA SER A 26 -6.83 5.13 -5.14
C SER A 26 -5.86 6.30 -5.03
N LYS A 27 -5.71 7.12 -6.07
CA LYS A 27 -4.78 8.29 -6.13
C LYS A 27 -4.74 9.16 -4.86
N ARG A 28 -5.87 9.36 -4.19
CA ARG A 28 -5.97 10.13 -2.94
C ARG A 28 -5.10 9.59 -1.80
N VAL A 29 -4.75 8.30 -1.83
CA VAL A 29 -3.86 7.62 -0.89
C VAL A 29 -2.39 8.00 -1.11
N GLN A 30 -1.93 8.14 -2.36
CA GLN A 30 -0.53 8.47 -2.69
C GLN A 30 -0.01 9.76 -2.03
N LYS A 31 -0.85 10.80 -1.85
CA LYS A 31 -0.43 12.01 -1.11
C LYS A 31 0.02 11.70 0.31
N SER A 32 -0.70 10.81 0.98
CA SER A 32 -0.36 10.28 2.33
C SER A 32 1.02 9.62 2.40
N ILE A 33 1.48 8.99 1.30
CA ILE A 33 2.80 8.35 1.18
C ILE A 33 3.87 9.38 0.76
N SER A 34 3.56 10.22 -0.21
CA SER A 34 4.44 11.29 -0.72
C SER A 34 4.88 12.26 0.39
N GLN A 35 3.93 12.70 1.22
CA GLN A 35 4.16 13.54 2.42
C GLN A 35 4.83 12.77 3.58
N LYS A 36 5.36 11.57 3.32
CA LYS A 36 6.13 10.72 4.25
C LYS A 36 7.39 10.11 3.61
N LYS A 37 7.51 10.17 2.28
CA LYS A 37 8.58 9.60 1.44
C LYS A 37 8.98 8.16 1.81
N LEU A 38 7.98 7.33 2.09
CA LEU A 38 8.17 5.90 2.33
C LEU A 38 8.72 5.21 1.07
N LYS A 39 9.45 4.11 1.28
CA LYS A 39 10.03 3.21 0.28
C LYS A 39 8.97 2.31 -0.38
N LEU A 40 7.85 2.90 -0.83
CA LEU A 40 6.69 2.19 -1.38
C LEU A 40 6.51 2.53 -2.87
N ASP A 41 6.58 1.51 -3.73
CA ASP A 41 6.54 1.61 -5.19
C ASP A 41 5.37 0.79 -5.76
N ILE A 42 5.09 0.89 -7.07
CA ILE A 42 3.90 0.28 -7.70
C ILE A 42 4.24 -0.68 -8.85
N ASP A 43 3.80 -1.93 -8.70
CA ASP A 43 3.91 -2.96 -9.73
C ASP A 43 3.02 -2.70 -10.97
N LYS A 44 3.67 -2.47 -12.12
CA LYS A 44 3.02 -2.30 -13.43
C LYS A 44 2.61 -3.62 -14.11
N SER A 45 3.05 -4.78 -13.62
CA SER A 45 2.83 -6.10 -14.24
C SER A 45 1.36 -6.53 -14.26
N VAL A 46 0.59 -6.11 -13.25
CA VAL A 46 -0.86 -6.37 -13.15
C VAL A 46 -1.68 -5.08 -13.32
N ARG A 47 -1.06 -3.90 -13.12
CA ARG A 47 -1.64 -2.54 -13.26
C ARG A 47 -2.91 -2.23 -12.43
N HIS A 48 -3.51 -3.24 -11.76
CA HIS A 48 -4.66 -3.10 -10.86
C HIS A 48 -4.36 -2.17 -9.67
N LEU A 49 -5.38 -1.64 -9.00
CA LEU A 49 -5.23 -0.76 -7.83
C LEU A 49 -5.62 -1.49 -6.54
N TYR A 50 -4.98 -2.62 -6.25
CA TYR A 50 -5.27 -3.43 -5.05
C TYR A 50 -4.06 -3.49 -4.13
N ILE A 51 -4.32 -3.59 -2.82
CA ILE A 51 -3.29 -3.77 -1.79
C ILE A 51 -3.76 -4.81 -0.77
N CYS A 52 -2.86 -5.25 0.09
CA CYS A 52 -3.16 -6.15 1.20
C CYS A 52 -3.57 -5.40 2.50
N ASP A 53 -4.00 -6.17 3.49
CA ASP A 53 -4.32 -5.69 4.85
C ASP A 53 -3.13 -5.02 5.52
N PHE A 54 -1.94 -5.60 5.36
CA PHE A 54 -0.71 -5.18 5.99
C PHE A 54 -0.30 -3.78 5.52
N HIS A 55 -0.31 -3.59 4.19
CA HIS A 55 -0.05 -2.28 3.60
C HIS A 55 -1.14 -1.25 3.88
N LYS A 56 -2.42 -1.66 3.98
CA LYS A 56 -3.51 -0.75 4.39
C LYS A 56 -3.16 -0.11 5.75
N ASN A 57 -2.79 -0.94 6.72
CA ASN A 57 -2.41 -0.49 8.06
C ASN A 57 -1.10 0.32 8.06
N PHE A 58 -0.09 -0.07 7.28
CA PHE A 58 1.19 0.66 7.19
C PHE A 58 1.00 2.12 6.80
N ILE A 59 0.20 2.39 5.75
CA ILE A 59 -0.11 3.74 5.28
C ILE A 59 -0.97 4.52 6.31
N GLN A 60 -1.89 3.83 6.99
CA GLN A 60 -2.70 4.41 8.07
C GLN A 60 -1.87 4.78 9.32
N SER A 61 -0.85 4.00 9.66
CA SER A 61 0.07 4.27 10.77
C SER A 61 0.89 5.56 10.55
N VAL A 62 1.53 5.70 9.39
CA VAL A 62 2.28 6.93 9.05
C VAL A 62 1.39 8.16 8.88
N ARG A 63 0.08 7.98 8.64
CA ARG A 63 -0.92 9.05 8.59
C ARG A 63 -1.30 9.51 10.00
N ASN A 64 -1.52 8.57 10.93
CA ASN A 64 -1.90 8.87 12.31
C ASN A 64 -0.86 9.73 13.04
N LYS A 65 0.35 9.18 13.24
CA LYS A 65 1.51 9.73 14.00
C LYS A 65 1.21 10.63 15.23
N ARG A 66 0.07 10.44 15.89
CA ARG A 66 -0.47 11.25 17.00
C ARG A 66 0.53 11.43 18.15
N LYS A 67 0.95 12.68 18.36
CA LYS A 67 2.00 13.15 19.31
C LYS A 67 1.99 12.51 20.71
N ARG A 68 0.82 12.25 21.32
CA ARG A 68 0.65 11.56 22.62
C ARG A 68 -0.81 11.19 22.90
N LYS A 69 -1.04 10.40 23.97
CA LYS A 69 -2.37 10.06 24.49
C LYS A 69 -3.03 11.32 25.10
N THR A 70 -4.36 11.36 25.07
CA THR A 70 -5.20 12.39 25.70
C THR A 70 -6.60 11.84 25.98
ZN ZN B . 1.08 -5.34 0.50
N GLY A 1 -4.59 -20.04 -1.85
CA GLY A 1 -3.46 -19.10 -1.81
C GLY A 1 -4.07 -17.72 -1.83
N SER A 2 -3.85 -16.92 -2.87
CA SER A 2 -4.63 -15.69 -3.03
C SER A 2 -6.10 -16.09 -3.24
N TYR A 3 -7.05 -15.22 -2.89
CA TYR A 3 -8.49 -15.43 -3.09
C TYR A 3 -8.98 -14.99 -4.48
N GLY A 4 -8.09 -14.44 -5.30
CA GLY A 4 -8.37 -13.84 -6.61
C GLY A 4 -7.65 -12.48 -6.73
N GLN A 5 -7.39 -11.86 -5.59
CA GLN A 5 -6.64 -10.61 -5.44
C GLN A 5 -5.43 -10.75 -4.49
N SER A 6 -4.43 -9.91 -4.74
CA SER A 6 -3.21 -9.75 -3.94
C SER A 6 -2.83 -8.28 -3.96
N CYS A 7 -1.87 -7.91 -3.13
CA CYS A 7 -1.29 -6.59 -3.13
C CYS A 7 -0.70 -6.23 -4.51
N CYS A 8 -0.31 -4.96 -4.64
CA CYS A 8 0.27 -4.39 -5.86
C CYS A 8 1.41 -3.39 -5.55
N LEU A 9 1.70 -3.21 -4.26
CA LEU A 9 2.80 -2.39 -3.80
C LEU A 9 4.13 -3.15 -3.91
N ILE A 10 5.21 -2.39 -3.78
CA ILE A 10 6.60 -2.82 -3.75
C ILE A 10 7.24 -2.09 -2.59
N GLU A 11 8.09 -2.75 -1.81
CA GLU A 11 8.85 -2.07 -0.77
C GLU A 11 10.32 -2.50 -0.86
N ASP A 12 11.14 -1.53 -1.31
CA ASP A 12 12.58 -1.67 -1.64
C ASP A 12 12.94 -2.68 -2.75
N GLY A 13 11.95 -3.36 -3.29
CA GLY A 13 12.04 -4.39 -4.33
C GLY A 13 11.15 -5.60 -4.03
N GLU A 14 10.71 -5.78 -2.77
CA GLU A 14 9.74 -6.81 -2.40
C GLU A 14 8.37 -6.46 -2.98
N ARG A 15 8.07 -6.95 -4.20
CA ARG A 15 6.74 -6.83 -4.82
C ARG A 15 5.75 -7.64 -3.98
N CYS A 16 5.10 -6.97 -3.05
CA CYS A 16 4.18 -7.55 -2.08
C CYS A 16 3.21 -8.55 -2.73
N VAL A 17 3.14 -9.75 -2.14
CA VAL A 17 2.39 -10.93 -2.63
C VAL A 17 1.26 -11.33 -1.68
N ARG A 18 1.11 -10.58 -0.58
CA ARG A 18 0.11 -10.78 0.47
C ARG A 18 -1.31 -10.65 -0.10
N PRO A 19 -2.30 -11.41 0.39
CA PRO A 19 -3.66 -11.37 -0.15
C PRO A 19 -4.27 -9.99 0.10
N ALA A 20 -4.88 -9.41 -0.94
CA ALA A 20 -5.58 -8.14 -0.80
C ALA A 20 -6.90 -8.35 -0.07
N GLY A 21 -7.15 -7.51 0.94
CA GLY A 21 -8.41 -7.49 1.70
C GLY A 21 -9.33 -6.42 1.12
N ASN A 22 -10.18 -5.85 1.98
CA ASN A 22 -11.06 -4.73 1.65
C ASN A 22 -10.25 -3.41 1.54
N ALA A 23 -9.18 -3.40 0.72
CA ALA A 23 -8.23 -2.31 0.58
C ALA A 23 -7.82 -2.11 -0.89
N SER A 24 -7.78 -0.85 -1.33
CA SER A 24 -7.44 -0.49 -2.71
C SER A 24 -6.64 0.80 -2.77
N PHE A 25 -5.74 0.90 -3.75
CA PHE A 25 -4.80 2.01 -3.93
C PHE A 25 -5.45 3.21 -4.66
N SER A 26 -6.42 3.86 -4.02
CA SER A 26 -7.09 5.03 -4.62
C SER A 26 -6.15 6.23 -4.70
N LYS A 27 -6.17 7.03 -5.78
CA LYS A 27 -5.30 8.21 -6.00
C LYS A 27 -5.12 9.14 -4.79
N ARG A 28 -6.12 9.25 -3.90
CA ARG A 28 -6.03 10.01 -2.63
C ARG A 28 -4.94 9.49 -1.66
N VAL A 29 -4.68 8.19 -1.66
CA VAL A 29 -3.70 7.48 -0.80
C VAL A 29 -2.26 7.87 -1.11
N GLN A 30 -1.92 8.10 -2.39
CA GLN A 30 -0.59 8.52 -2.85
C GLN A 30 -0.04 9.77 -2.12
N LYS A 31 -0.90 10.76 -1.85
CA LYS A 31 -0.50 12.00 -1.15
C LYS A 31 0.13 11.71 0.21
N SER A 32 -0.57 10.90 1.01
CA SER A 32 -0.13 10.46 2.33
C SER A 32 1.31 9.92 2.33
N ILE A 33 1.58 8.99 1.41
CA ILE A 33 2.88 8.31 1.24
C ILE A 33 3.96 9.33 0.85
N SER A 34 3.69 10.14 -0.18
CA SER A 34 4.59 11.19 -0.67
C SER A 34 4.97 12.19 0.43
N GLN A 35 3.97 12.69 1.17
CA GLN A 35 4.15 13.58 2.33
C GLN A 35 4.89 12.91 3.51
N LYS A 36 5.27 11.63 3.38
CA LYS A 36 6.01 10.86 4.38
C LYS A 36 7.40 10.42 3.89
N LYS A 37 7.64 10.38 2.58
CA LYS A 37 8.86 9.85 1.93
C LYS A 37 9.27 8.48 2.50
N LEU A 38 8.52 7.47 2.06
CA LEU A 38 8.67 6.02 2.30
C LEU A 38 9.44 5.33 1.15
N LYS A 39 9.49 3.99 1.15
CA LYS A 39 10.09 3.13 0.11
C LYS A 39 9.04 2.36 -0.73
N LEU A 40 7.78 2.78 -0.67
CA LEU A 40 6.64 2.15 -1.36
C LEU A 40 6.57 2.56 -2.86
N ASP A 41 6.66 1.60 -3.77
CA ASP A 41 6.47 1.75 -5.23
C ASP A 41 5.30 0.88 -5.74
N ILE A 42 4.96 0.96 -7.03
CA ILE A 42 3.76 0.35 -7.62
C ILE A 42 4.08 -0.57 -8.81
N ASP A 43 3.57 -1.80 -8.75
CA ASP A 43 3.64 -2.79 -9.83
C ASP A 43 2.67 -2.40 -10.97
N LYS A 44 3.20 -1.76 -12.01
CA LYS A 44 2.41 -1.38 -13.20
C LYS A 44 2.01 -2.59 -14.07
N SER A 45 2.68 -3.74 -13.96
CA SER A 45 2.47 -4.92 -14.82
C SER A 45 1.04 -5.44 -14.79
N VAL A 46 0.48 -5.64 -13.58
CA VAL A 46 -0.91 -6.11 -13.40
C VAL A 46 -1.92 -4.95 -13.41
N ARG A 47 -1.44 -3.69 -13.46
CA ARG A 47 -2.18 -2.42 -13.60
C ARG A 47 -3.27 -2.08 -12.55
N HIS A 48 -3.75 -3.06 -11.78
CA HIS A 48 -4.84 -3.00 -10.77
C HIS A 48 -4.49 -2.22 -9.48
N LEU A 49 -5.51 -1.66 -8.81
CA LEU A 49 -5.35 -0.81 -7.61
C LEU A 49 -5.70 -1.57 -6.33
N TYR A 50 -5.03 -2.69 -6.03
CA TYR A 50 -5.28 -3.48 -4.81
C TYR A 50 -4.08 -3.47 -3.87
N ILE A 51 -4.33 -3.60 -2.56
CA ILE A 51 -3.28 -3.69 -1.54
C ILE A 51 -3.67 -4.72 -0.46
N CYS A 52 -2.68 -5.30 0.23
CA CYS A 52 -2.94 -6.17 1.37
C CYS A 52 -3.30 -5.38 2.63
N ASP A 53 -4.01 -6.03 3.55
CA ASP A 53 -4.40 -5.43 4.82
C ASP A 53 -3.21 -5.04 5.71
N PHE A 54 -2.04 -5.67 5.49
CA PHE A 54 -0.77 -5.33 6.15
C PHE A 54 -0.30 -3.94 5.71
N HIS A 55 -0.23 -3.72 4.39
CA HIS A 55 0.09 -2.41 3.81
C HIS A 55 -1.01 -1.36 4.06
N LYS A 56 -2.28 -1.76 4.09
CA LYS A 56 -3.41 -0.88 4.45
C LYS A 56 -3.17 -0.23 5.81
N ASN A 57 -2.78 -1.03 6.81
CA ASN A 57 -2.48 -0.51 8.14
C ASN A 57 -1.19 0.31 8.16
N PHE A 58 -0.16 -0.06 7.39
CA PHE A 58 1.09 0.72 7.31
C PHE A 58 0.83 2.18 6.90
N ILE A 59 0.06 2.40 5.83
CA ILE A 59 -0.24 3.76 5.34
C ILE A 59 -1.03 4.56 6.37
N GLN A 60 -2.04 3.95 7.00
CA GLN A 60 -2.85 4.58 8.05
C GLN A 60 -2.02 4.91 9.31
N SER A 61 -1.10 4.02 9.69
CA SER A 61 -0.17 4.24 10.80
C SER A 61 0.76 5.42 10.55
N VAL A 62 1.35 5.53 9.35
CA VAL A 62 2.18 6.69 8.98
C VAL A 62 1.36 7.96 8.75
N ARG A 63 0.09 7.84 8.33
CA ARG A 63 -0.86 8.95 8.17
C ARG A 63 -1.17 9.58 9.52
N ASN A 64 -1.34 8.77 10.56
CA ASN A 64 -1.67 9.21 11.92
C ASN A 64 -0.45 9.82 12.65
N LYS A 65 0.72 9.15 12.66
CA LYS A 65 1.89 9.66 13.41
C LYS A 65 2.59 10.84 12.70
N ARG A 66 2.12 12.06 13.01
CA ARG A 66 2.62 13.40 12.60
C ARG A 66 4.15 13.61 12.68
N LYS A 67 4.91 13.00 11.77
CA LYS A 67 6.36 13.15 11.57
C LYS A 67 6.62 13.46 10.09
N ARG A 68 6.75 14.74 9.76
CA ARG A 68 7.11 15.27 8.43
C ARG A 68 8.62 15.04 8.14
N LYS A 69 9.13 15.58 7.03
CA LYS A 69 10.56 15.59 6.63
C LYS A 69 10.90 16.91 5.93
N THR A 70 10.63 18.03 6.59
CA THR A 70 10.78 19.40 6.04
C THR A 70 11.23 20.34 7.15
ZN ZN B . 1.18 -5.35 0.62
N GLY A 1 -6.16 -22.54 -6.11
CA GLY A 1 -5.15 -21.55 -6.51
C GLY A 1 -5.89 -20.30 -6.92
N SER A 2 -5.48 -19.12 -6.45
CA SER A 2 -6.19 -17.87 -6.68
C SER A 2 -5.18 -16.73 -6.85
N TYR A 3 -5.33 -15.91 -7.89
CA TYR A 3 -4.41 -14.82 -8.21
C TYR A 3 -5.18 -13.71 -8.96
N GLY A 4 -4.81 -12.45 -8.75
CA GLY A 4 -5.52 -11.28 -9.32
C GLY A 4 -5.95 -10.30 -8.23
N GLN A 5 -6.61 -10.80 -7.19
CA GLN A 5 -6.96 -10.04 -5.97
C GLN A 5 -5.84 -10.22 -4.95
N SER A 6 -4.69 -9.65 -5.31
CA SER A 6 -3.48 -9.57 -4.48
C SER A 6 -2.95 -8.14 -4.54
N CYS A 7 -2.05 -7.81 -3.61
CA CYS A 7 -1.36 -6.54 -3.52
C CYS A 7 -0.62 -6.22 -4.84
N CYS A 8 -0.24 -4.96 -5.02
CA CYS A 8 0.57 -4.48 -6.16
C CYS A 8 1.70 -3.55 -5.73
N LEU A 9 1.86 -3.35 -4.43
CA LEU A 9 2.95 -2.57 -3.85
C LEU A 9 4.29 -3.33 -3.90
N ILE A 10 5.35 -2.55 -3.82
CA ILE A 10 6.74 -2.98 -3.73
C ILE A 10 7.33 -2.17 -2.59
N GLU A 11 8.00 -2.81 -1.63
CA GLU A 11 8.67 -2.08 -0.55
C GLU A 11 10.15 -2.47 -0.48
N ASP A 12 10.97 -1.44 -0.68
CA ASP A 12 12.43 -1.45 -0.86
C ASP A 12 12.89 -2.05 -2.22
N GLY A 13 12.21 -3.14 -2.57
CA GLY A 13 12.27 -3.93 -3.80
C GLY A 13 11.45 -5.23 -3.73
N GLU A 14 11.07 -5.67 -2.53
CA GLU A 14 10.20 -6.82 -2.28
C GLU A 14 8.78 -6.57 -2.83
N ARG A 15 8.41 -7.33 -3.88
CA ARG A 15 7.07 -7.36 -4.50
C ARG A 15 6.06 -8.04 -3.57
N CYS A 16 5.28 -7.24 -2.87
CA CYS A 16 4.19 -7.71 -2.02
C CYS A 16 3.18 -8.50 -2.87
N VAL A 17 2.89 -9.74 -2.46
CA VAL A 17 1.98 -10.68 -3.15
C VAL A 17 0.86 -11.19 -2.24
N ARG A 18 0.74 -10.62 -1.03
CA ARG A 18 -0.35 -10.92 -0.09
C ARG A 18 -1.74 -10.79 -0.76
N PRO A 19 -2.75 -11.56 -0.31
CA PRO A 19 -4.12 -11.40 -0.79
C PRO A 19 -4.61 -9.99 -0.48
N ALA A 20 -5.29 -9.39 -1.45
CA ALA A 20 -5.90 -8.08 -1.27
C ALA A 20 -7.17 -8.19 -0.41
N GLY A 21 -7.60 -7.07 0.15
CA GLY A 21 -8.84 -6.99 0.92
C GLY A 21 -9.65 -5.76 0.53
N ASN A 22 -10.39 -5.21 1.47
CA ASN A 22 -11.21 -4.00 1.29
C ASN A 22 -10.38 -2.70 1.21
N ALA A 23 -9.22 -2.74 0.53
CA ALA A 23 -8.25 -1.67 0.40
C ALA A 23 -7.82 -1.48 -1.08
N SER A 24 -7.75 -0.23 -1.52
CA SER A 24 -7.33 0.14 -2.88
C SER A 24 -6.40 1.34 -2.91
N PHE A 25 -5.46 1.33 -3.86
CA PHE A 25 -4.44 2.35 -4.07
C PHE A 25 -4.98 3.61 -4.79
N SER A 26 -6.13 4.11 -4.32
CA SER A 26 -6.80 5.32 -4.82
C SER A 26 -5.89 6.55 -4.69
N LYS A 27 -6.04 7.56 -5.57
CA LYS A 27 -5.20 8.79 -5.58
C LYS A 27 -5.02 9.46 -4.21
N ARG A 28 -6.04 9.42 -3.34
CA ARG A 28 -6.00 9.94 -1.95
C ARG A 28 -4.93 9.27 -1.08
N VAL A 29 -4.62 8.00 -1.33
CA VAL A 29 -3.66 7.17 -0.56
C VAL A 29 -2.22 7.56 -0.89
N GLN A 30 -1.90 7.78 -2.17
CA GLN A 30 -0.58 8.26 -2.63
C GLN A 30 -0.12 9.55 -1.94
N LYS A 31 -1.03 10.49 -1.67
CA LYS A 31 -0.69 11.77 -1.01
C LYS A 31 -0.09 11.57 0.38
N SER A 32 -0.63 10.60 1.12
CA SER A 32 -0.13 10.21 2.45
C SER A 32 1.30 9.66 2.38
N ILE A 33 1.55 8.77 1.41
CA ILE A 33 2.85 8.12 1.16
C ILE A 33 3.90 9.17 0.74
N SER A 34 3.53 10.00 -0.23
CA SER A 34 4.32 11.11 -0.80
C SER A 34 4.76 12.11 0.25
N GLN A 35 3.83 12.66 1.05
CA GLN A 35 4.16 13.61 2.11
C GLN A 35 5.07 12.99 3.20
N LYS A 36 5.10 11.66 3.31
CA LYS A 36 6.01 10.93 4.22
C LYS A 36 7.36 10.61 3.56
N LYS A 37 7.45 10.72 2.23
CA LYS A 37 8.60 10.37 1.38
C LYS A 37 9.13 8.95 1.63
N LEU A 38 8.18 8.00 1.62
CA LEU A 38 8.41 6.55 1.71
C LEU A 38 9.22 5.99 0.52
N LYS A 39 9.47 4.68 0.56
CA LYS A 39 10.12 3.87 -0.49
C LYS A 39 9.19 2.70 -0.86
N LEU A 40 7.96 3.08 -1.20
CA LEU A 40 6.84 2.20 -1.54
C LEU A 40 6.47 2.49 -3.01
N ASP A 41 6.73 1.52 -3.88
CA ASP A 41 6.60 1.61 -5.34
C ASP A 41 5.46 0.74 -5.90
N ILE A 42 5.13 0.88 -7.20
CA ILE A 42 3.95 0.24 -7.81
C ILE A 42 4.27 -0.65 -9.01
N ASP A 43 3.93 -1.93 -8.90
CA ASP A 43 4.03 -2.89 -10.01
C ASP A 43 3.00 -2.59 -11.11
N LYS A 44 3.49 -2.10 -12.26
CA LYS A 44 2.69 -1.85 -13.46
C LYS A 44 2.19 -3.11 -14.18
N SER A 45 2.72 -4.29 -13.90
CA SER A 45 2.39 -5.56 -14.59
C SER A 45 0.89 -5.86 -14.59
N VAL A 46 0.25 -5.85 -13.41
CA VAL A 46 -1.19 -6.12 -13.26
C VAL A 46 -2.04 -4.85 -13.41
N ARG A 47 -1.40 -3.68 -13.51
CA ARG A 47 -1.98 -2.34 -13.77
C ARG A 47 -3.25 -1.98 -12.96
N HIS A 48 -3.42 -2.60 -11.78
CA HIS A 48 -4.60 -2.49 -10.91
C HIS A 48 -4.29 -1.70 -9.61
N LEU A 49 -5.33 -1.24 -8.92
CA LEU A 49 -5.18 -0.41 -7.70
C LEU A 49 -5.57 -1.19 -6.44
N TYR A 50 -5.06 -2.40 -6.24
CA TYR A 50 -5.38 -3.22 -5.06
C TYR A 50 -4.16 -3.41 -4.18
N ILE A 51 -4.39 -3.47 -2.86
CA ILE A 51 -3.35 -3.65 -1.84
C ILE A 51 -3.85 -4.63 -0.77
N CYS A 52 -2.91 -5.27 -0.06
CA CYS A 52 -3.23 -6.11 1.08
C CYS A 52 -3.58 -5.28 2.32
N ASP A 53 -4.41 -5.87 3.20
CA ASP A 53 -4.78 -5.24 4.47
C ASP A 53 -3.58 -4.98 5.42
N PHE A 54 -2.44 -5.65 5.19
CA PHE A 54 -1.17 -5.44 5.88
C PHE A 54 -0.58 -4.08 5.47
N HIS A 55 -0.42 -3.85 4.16
CA HIS A 55 0.02 -2.55 3.61
C HIS A 55 -0.97 -1.42 3.89
N LYS A 56 -2.28 -1.72 3.93
CA LYS A 56 -3.31 -0.76 4.30
C LYS A 56 -2.99 -0.13 5.66
N ASN A 57 -2.61 -0.92 6.67
CA ASN A 57 -2.26 -0.40 7.99
C ASN A 57 -0.99 0.47 7.94
N PHE A 58 0.05 0.06 7.22
CA PHE A 58 1.29 0.84 7.10
C PHE A 58 1.02 2.28 6.62
N ILE A 59 0.19 2.46 5.59
CA ILE A 59 -0.19 3.77 5.03
C ILE A 59 -1.15 4.57 5.95
N GLN A 60 -1.64 3.96 7.04
CA GLN A 60 -2.45 4.65 8.05
C GLN A 60 -1.65 4.93 9.32
N SER A 61 -0.62 4.14 9.62
CA SER A 61 0.30 4.40 10.75
C SER A 61 0.99 5.76 10.63
N VAL A 62 1.36 6.16 9.40
CA VAL A 62 1.95 7.47 9.12
C VAL A 62 1.00 8.64 9.43
N ARG A 63 -0.31 8.44 9.29
CA ARG A 63 -1.37 9.45 9.50
C ARG A 63 -1.40 9.96 10.95
N ASN A 64 -1.04 9.10 11.91
CA ASN A 64 -1.07 9.46 13.33
C ASN A 64 0.12 10.35 13.76
N LYS A 65 1.23 10.32 13.01
CA LYS A 65 2.50 11.00 13.31
C LYS A 65 2.72 12.20 12.37
N ARG A 66 2.01 13.30 12.68
CA ARG A 66 1.96 14.53 11.88
C ARG A 66 2.33 15.77 12.69
N LYS A 67 2.85 16.80 12.01
CA LYS A 67 3.24 18.12 12.57
C LYS A 67 2.14 18.88 13.34
N ARG A 68 0.88 18.44 13.27
CA ARG A 68 -0.25 18.96 14.05
C ARG A 68 -1.28 17.85 14.21
N LYS A 69 -1.86 17.71 15.41
CA LYS A 69 -2.89 16.72 15.70
C LYS A 69 -4.16 17.05 14.89
N THR A 70 -4.51 16.17 13.95
CA THR A 70 -5.74 16.26 13.16
C THR A 70 -6.94 15.85 14.01
ZN ZN B . 1.01 -5.50 0.41
N GLY A 1 -7.88 -12.59 -17.62
CA GLY A 1 -7.99 -11.79 -16.39
C GLY A 1 -7.78 -12.69 -15.19
N SER A 2 -8.41 -12.40 -14.05
CA SER A 2 -8.42 -13.28 -12.86
C SER A 2 -7.05 -13.68 -12.26
N TYR A 3 -6.01 -12.84 -12.40
CA TYR A 3 -4.64 -13.04 -11.87
C TYR A 3 -4.52 -13.14 -10.32
N GLY A 4 -5.63 -13.26 -9.59
CA GLY A 4 -5.67 -13.28 -8.13
C GLY A 4 -5.78 -11.90 -7.49
N GLN A 5 -6.54 -11.84 -6.41
CA GLN A 5 -6.70 -10.67 -5.57
C GLN A 5 -5.50 -10.61 -4.61
N SER A 6 -4.38 -10.09 -5.10
CA SER A 6 -3.16 -9.84 -4.34
C SER A 6 -2.72 -8.39 -4.49
N CYS A 7 -1.85 -7.95 -3.57
CA CYS A 7 -1.25 -6.63 -3.54
C CYS A 7 -0.50 -6.28 -4.85
N CYS A 8 -0.08 -5.03 -4.96
CA CYS A 8 0.75 -4.54 -6.08
C CYS A 8 1.76 -3.47 -5.65
N LEU A 9 1.94 -3.35 -4.34
CA LEU A 9 2.97 -2.49 -3.78
C LEU A 9 4.34 -3.19 -3.85
N ILE A 10 5.39 -2.41 -3.62
CA ILE A 10 6.77 -2.86 -3.53
C ILE A 10 7.34 -2.15 -2.30
N GLU A 11 8.04 -2.87 -1.43
CA GLU A 11 8.69 -2.25 -0.26
C GLU A 11 10.15 -2.68 -0.19
N ASP A 12 11.05 -1.71 -0.42
CA ASP A 12 12.52 -1.89 -0.54
C ASP A 12 12.99 -2.86 -1.65
N GLY A 13 12.04 -3.35 -2.45
CA GLY A 13 12.22 -4.35 -3.50
C GLY A 13 11.38 -5.61 -3.26
N GLU A 14 10.84 -5.82 -2.06
CA GLU A 14 9.88 -6.90 -1.80
C GLU A 14 8.59 -6.52 -2.54
N ARG A 15 8.44 -7.05 -3.76
CA ARG A 15 7.20 -6.91 -4.53
C ARG A 15 6.14 -7.69 -3.75
N CYS A 16 5.29 -6.98 -3.03
CA CYS A 16 4.26 -7.53 -2.18
C CYS A 16 3.36 -8.50 -2.97
N VAL A 17 3.10 -9.65 -2.37
CA VAL A 17 2.25 -10.75 -2.91
C VAL A 17 1.21 -11.19 -1.87
N ARG A 18 1.15 -10.49 -0.74
CA ARG A 18 0.16 -10.71 0.33
C ARG A 18 -1.27 -10.55 -0.25
N PRO A 19 -2.26 -11.31 0.27
CA PRO A 19 -3.61 -11.31 -0.29
C PRO A 19 -4.26 -9.94 -0.13
N ALA A 20 -4.87 -9.45 -1.21
CA ALA A 20 -5.64 -8.21 -1.19
C ALA A 20 -7.05 -8.46 -0.63
N GLY A 21 -7.66 -7.39 -0.15
CA GLY A 21 -9.03 -7.39 0.36
C GLY A 21 -9.76 -6.13 -0.07
N ASN A 22 -10.60 -5.59 0.81
CA ASN A 22 -11.30 -4.31 0.62
C ASN A 22 -10.36 -3.08 0.69
N ALA A 23 -9.07 -3.25 0.32
CA ALA A 23 -8.02 -2.25 0.34
C ALA A 23 -7.51 -2.03 -1.10
N SER A 24 -7.65 -0.79 -1.57
CA SER A 24 -7.33 -0.41 -2.96
C SER A 24 -6.64 0.96 -3.04
N PHE A 25 -5.70 1.05 -3.98
CA PHE A 25 -4.79 2.17 -4.22
C PHE A 25 -5.46 3.40 -4.88
N SER A 26 -6.41 3.99 -4.14
CA SER A 26 -7.11 5.21 -4.54
C SER A 26 -6.23 6.45 -4.37
N LYS A 27 -6.37 7.45 -5.27
CA LYS A 27 -5.54 8.67 -5.34
C LYS A 27 -5.29 9.36 -3.98
N ARG A 28 -6.31 9.40 -3.11
CA ARG A 28 -6.19 9.92 -1.73
C ARG A 28 -5.04 9.32 -0.93
N VAL A 29 -4.77 8.03 -1.12
CA VAL A 29 -3.70 7.27 -0.44
C VAL A 29 -2.30 7.76 -0.87
N GLN A 30 -2.11 8.08 -2.17
CA GLN A 30 -0.84 8.63 -2.68
C GLN A 30 -0.36 9.85 -1.90
N LYS A 31 -1.27 10.75 -1.49
CA LYS A 31 -0.89 11.95 -0.73
C LYS A 31 -0.16 11.58 0.55
N SER A 32 -0.67 10.60 1.30
CA SER A 32 -0.08 10.19 2.58
C SER A 32 1.31 9.57 2.42
N ILE A 33 1.56 8.88 1.31
CA ILE A 33 2.87 8.32 0.94
C ILE A 33 3.82 9.45 0.52
N SER A 34 3.36 10.36 -0.35
CA SER A 34 4.13 11.47 -0.91
C SER A 34 4.51 12.54 0.11
N GLN A 35 3.55 12.98 0.92
CA GLN A 35 3.71 13.99 1.98
C GLN A 35 4.70 13.54 3.05
N LYS A 36 4.96 12.23 3.14
CA LYS A 36 5.82 11.59 4.15
C LYS A 36 7.12 11.08 3.53
N LYS A 37 7.15 10.80 2.22
CA LYS A 37 8.28 10.17 1.49
C LYS A 37 8.57 8.78 2.06
N LEU A 38 7.62 7.87 1.78
CA LEU A 38 7.69 6.43 2.14
C LEU A 38 8.65 5.66 1.21
N LYS A 39 8.93 4.40 1.58
CA LYS A 39 9.74 3.43 0.80
C LYS A 39 8.87 2.44 -0.01
N LEU A 40 7.70 2.92 -0.44
CA LEU A 40 6.67 2.14 -1.15
C LEU A 40 6.59 2.53 -2.63
N ASP A 41 6.66 1.53 -3.49
CA ASP A 41 6.57 1.67 -4.95
C ASP A 41 5.35 0.95 -5.52
N ILE A 42 5.11 1.13 -6.82
CA ILE A 42 3.91 0.60 -7.50
C ILE A 42 4.26 -0.24 -8.73
N ASP A 43 3.94 -1.53 -8.64
CA ASP A 43 4.07 -2.46 -9.76
C ASP A 43 3.12 -2.05 -10.92
N LYS A 44 3.64 -2.13 -12.15
CA LYS A 44 2.92 -1.78 -13.40
C LYS A 44 2.60 -3.02 -14.25
N SER A 45 3.07 -4.21 -13.88
CA SER A 45 2.78 -5.49 -14.55
C SER A 45 1.28 -5.82 -14.51
N VAL A 46 0.73 -6.03 -13.30
CA VAL A 46 -0.71 -6.37 -13.11
C VAL A 46 -1.63 -5.17 -13.36
N ARG A 47 -1.08 -3.95 -13.46
CA ARG A 47 -1.76 -2.67 -13.79
C ARG A 47 -3.00 -2.32 -12.91
N HIS A 48 -3.25 -3.05 -11.83
CA HIS A 48 -4.43 -2.89 -10.95
C HIS A 48 -4.14 -2.01 -9.72
N LEU A 49 -5.19 -1.56 -9.02
CA LEU A 49 -5.10 -0.67 -7.85
C LEU A 49 -5.53 -1.40 -6.57
N TYR A 50 -4.94 -2.55 -6.29
CA TYR A 50 -5.22 -3.34 -5.08
C TYR A 50 -4.01 -3.42 -4.17
N ILE A 51 -4.25 -3.51 -2.87
CA ILE A 51 -3.23 -3.70 -1.84
C ILE A 51 -3.72 -4.72 -0.80
N CYS A 52 -2.80 -5.28 -0.01
CA CYS A 52 -3.11 -6.15 1.13
C CYS A 52 -3.51 -5.35 2.38
N ASP A 53 -4.27 -5.94 3.29
CA ASP A 53 -4.66 -5.26 4.55
C ASP A 53 -3.46 -4.95 5.46
N PHE A 54 -2.38 -5.74 5.33
CA PHE A 54 -1.10 -5.51 6.01
C PHE A 54 -0.53 -4.14 5.60
N HIS A 55 -0.44 -3.89 4.29
CA HIS A 55 -0.03 -2.59 3.76
C HIS A 55 -1.06 -1.48 3.98
N LYS A 56 -2.36 -1.80 4.02
CA LYS A 56 -3.42 -0.82 4.36
C LYS A 56 -3.11 -0.19 5.72
N ASN A 57 -2.82 -1.00 6.75
CA ASN A 57 -2.45 -0.48 8.07
C ASN A 57 -1.16 0.35 7.99
N PHE A 58 -0.12 -0.11 7.30
CA PHE A 58 1.15 0.62 7.18
C PHE A 58 0.97 2.07 6.68
N ILE A 59 0.20 2.28 5.60
CA ILE A 59 -0.04 3.61 5.03
C ILE A 59 -0.94 4.47 5.95
N GLN A 60 -1.88 3.83 6.66
CA GLN A 60 -2.73 4.51 7.66
C GLN A 60 -1.95 4.90 8.93
N SER A 61 -0.94 4.11 9.31
CA SER A 61 -0.05 4.36 10.45
C SER A 61 0.88 5.55 10.20
N VAL A 62 1.55 5.62 9.04
CA VAL A 62 2.47 6.73 8.68
C VAL A 62 1.82 8.10 8.53
N ARG A 63 0.49 8.15 8.35
CA ARG A 63 -0.31 9.40 8.31
C ARG A 63 -0.34 10.09 9.68
N ASN A 64 -0.20 9.33 10.76
CA ASN A 64 -0.38 9.82 12.12
C ASN A 64 0.93 10.33 12.77
N LYS A 65 0.77 11.20 13.76
CA LYS A 65 1.88 11.92 14.40
C LYS A 65 2.67 11.06 15.41
N ARG A 66 3.48 10.11 14.91
CA ARG A 66 4.41 9.22 15.65
C ARG A 66 5.54 9.91 16.46
N LYS A 67 5.22 10.92 17.28
CA LYS A 67 6.17 11.68 18.14
C LYS A 67 7.11 10.80 18.98
N ARG A 68 6.61 9.69 19.55
CA ARG A 68 7.40 8.73 20.33
C ARG A 68 8.23 7.82 19.42
N LYS A 69 9.27 8.38 18.81
CA LYS A 69 10.26 7.65 18.01
C LYS A 69 11.09 6.75 18.95
N THR A 70 11.38 5.52 18.54
CA THR A 70 12.28 4.62 19.30
C THR A 70 13.72 5.16 19.34
ZN ZN B . 1.06 -5.38 0.34
N GLY A 1 -11.75 -16.93 -7.11
CA GLY A 1 -10.56 -17.81 -6.98
C GLY A 1 -9.70 -17.31 -5.84
N SER A 2 -8.72 -18.10 -5.40
CA SER A 2 -7.73 -17.69 -4.39
C SER A 2 -6.73 -16.70 -4.99
N TYR A 3 -6.01 -17.13 -6.03
CA TYR A 3 -5.10 -16.28 -6.79
C TYR A 3 -5.89 -15.22 -7.58
N GLY A 4 -5.43 -13.96 -7.53
CA GLY A 4 -6.01 -12.83 -8.26
C GLY A 4 -6.01 -11.55 -7.43
N GLN A 5 -6.95 -11.44 -6.48
CA GLN A 5 -7.02 -10.32 -5.53
C GLN A 5 -5.83 -10.38 -4.56
N SER A 6 -4.80 -9.63 -4.91
CA SER A 6 -3.50 -9.56 -4.24
C SER A 6 -2.94 -8.15 -4.39
N CYS A 7 -2.03 -7.79 -3.50
CA CYS A 7 -1.40 -6.47 -3.41
C CYS A 7 -0.76 -6.05 -4.75
N CYS A 8 -0.43 -4.77 -4.85
CA CYS A 8 0.30 -4.24 -6.01
C CYS A 8 1.46 -3.34 -5.64
N LEU A 9 1.72 -3.14 -4.34
CA LEU A 9 2.86 -2.38 -3.87
C LEU A 9 4.16 -3.18 -3.96
N ILE A 10 5.27 -2.49 -3.76
CA ILE A 10 6.63 -2.98 -3.64
C ILE A 10 7.19 -2.21 -2.45
N GLU A 11 7.95 -2.86 -1.57
CA GLU A 11 8.62 -2.16 -0.48
C GLU A 11 10.09 -2.56 -0.39
N ASP A 12 10.96 -1.56 -0.51
CA ASP A 12 12.43 -1.66 -0.60
C ASP A 12 12.95 -2.45 -1.82
N GLY A 13 12.07 -3.13 -2.54
CA GLY A 13 12.33 -4.03 -3.66
C GLY A 13 11.59 -5.37 -3.54
N GLU A 14 11.16 -5.74 -2.33
CA GLU A 14 10.33 -6.93 -2.11
C GLU A 14 8.96 -6.77 -2.78
N ARG A 15 8.47 -7.84 -3.42
CA ARG A 15 7.23 -7.82 -4.19
C ARG A 15 6.07 -8.33 -3.35
N CYS A 16 5.36 -7.41 -2.71
CA CYS A 16 4.16 -7.72 -1.93
C CYS A 16 3.12 -8.48 -2.78
N VAL A 17 2.83 -9.71 -2.36
CA VAL A 17 1.90 -10.68 -3.01
C VAL A 17 0.83 -11.18 -2.02
N ARG A 18 0.73 -10.55 -0.85
CA ARG A 18 -0.32 -10.86 0.14
C ARG A 18 -1.71 -10.64 -0.49
N PRO A 19 -2.74 -11.38 -0.04
CA PRO A 19 -4.10 -11.22 -0.55
C PRO A 19 -4.63 -9.81 -0.31
N ALA A 20 -5.36 -9.27 -1.29
CA ALA A 20 -5.97 -7.94 -1.22
C ALA A 20 -7.43 -8.07 -0.83
N GLY A 21 -7.77 -7.49 0.33
CA GLY A 21 -9.14 -7.39 0.82
C GLY A 21 -9.77 -6.08 0.34
N ASN A 22 -10.62 -5.51 1.20
CA ASN A 22 -11.29 -4.22 1.01
C ASN A 22 -10.34 -2.99 1.06
N ALA A 23 -9.20 -3.03 0.37
CA ALA A 23 -8.19 -1.98 0.34
C ALA A 23 -7.63 -1.75 -1.09
N SER A 24 -7.59 -0.48 -1.50
CA SER A 24 -7.20 -0.09 -2.86
C SER A 24 -6.37 1.18 -2.90
N PHE A 25 -5.61 1.34 -3.98
CA PHE A 25 -4.65 2.42 -4.18
C PHE A 25 -5.22 3.61 -4.97
N SER A 26 -6.30 4.20 -4.44
CA SER A 26 -6.95 5.35 -5.05
C SER A 26 -6.01 6.58 -5.09
N LYS A 27 -6.16 7.44 -6.11
CA LYS A 27 -5.28 8.60 -6.35
C LYS A 27 -4.95 9.48 -5.13
N ARG A 28 -5.91 9.65 -4.20
CA ARG A 28 -5.70 10.37 -2.92
C ARG A 28 -4.61 9.74 -2.03
N VAL A 29 -4.53 8.41 -2.00
CA VAL A 29 -3.55 7.66 -1.19
C VAL A 29 -2.11 7.98 -1.62
N GLN A 30 -1.84 8.18 -2.92
CA GLN A 30 -0.53 8.59 -3.42
C GLN A 30 0.03 9.84 -2.73
N LYS A 31 -0.81 10.85 -2.46
CA LYS A 31 -0.42 12.05 -1.70
C LYS A 31 0.01 11.70 -0.27
N SER A 32 -0.76 10.86 0.40
CA SER A 32 -0.49 10.37 1.76
C SER A 32 0.83 9.63 1.93
N ILE A 33 1.33 8.97 0.88
CA ILE A 33 2.64 8.31 0.87
C ILE A 33 3.73 9.33 0.49
N SER A 34 3.49 10.14 -0.54
CA SER A 34 4.41 11.18 -1.03
C SER A 34 4.90 12.10 0.09
N GLN A 35 3.97 12.62 0.90
CA GLN A 35 4.24 13.52 2.03
C GLN A 35 4.90 12.85 3.25
N LYS A 36 5.16 11.55 3.17
CA LYS A 36 5.90 10.73 4.16
C LYS A 36 7.25 10.22 3.60
N LYS A 37 7.45 10.25 2.28
CA LYS A 37 8.61 9.71 1.54
C LYS A 37 8.94 8.24 1.87
N LEU A 38 7.92 7.42 2.12
CA LEU A 38 8.07 5.96 2.30
C LEU A 38 8.67 5.31 1.04
N LYS A 39 9.31 4.15 1.20
CA LYS A 39 9.95 3.35 0.14
C LYS A 39 8.97 2.40 -0.55
N LEU A 40 7.72 2.84 -0.69
CA LEU A 40 6.62 2.14 -1.34
C LEU A 40 6.55 2.54 -2.82
N ASP A 41 6.61 1.56 -3.73
CA ASP A 41 6.53 1.76 -5.19
C ASP A 41 5.38 0.94 -5.84
N ILE A 42 5.07 1.22 -7.11
CA ILE A 42 3.93 0.65 -7.84
C ILE A 42 4.36 -0.06 -9.12
N ASP A 43 4.25 -1.39 -9.12
CA ASP A 43 4.46 -2.21 -10.32
C ASP A 43 3.35 -1.96 -11.37
N LYS A 44 3.71 -2.07 -12.64
CA LYS A 44 2.84 -1.84 -13.80
C LYS A 44 2.38 -3.15 -14.42
N SER A 45 3.03 -4.29 -14.13
CA SER A 45 2.76 -5.61 -14.74
C SER A 45 1.34 -6.17 -14.55
N VAL A 46 0.53 -5.59 -13.67
CA VAL A 46 -0.90 -5.96 -13.48
C VAL A 46 -1.82 -4.74 -13.60
N ARG A 47 -1.29 -3.52 -13.76
CA ARG A 47 -1.99 -2.20 -13.80
C ARG A 47 -3.05 -1.87 -12.73
N HIS A 48 -3.49 -2.83 -11.89
CA HIS A 48 -4.57 -2.68 -10.90
C HIS A 48 -4.20 -1.86 -9.65
N LEU A 49 -5.20 -1.34 -8.95
CA LEU A 49 -5.03 -0.46 -7.77
C LEU A 49 -5.47 -1.19 -6.49
N TYR A 50 -4.85 -2.32 -6.15
CA TYR A 50 -5.20 -3.11 -4.97
C TYR A 50 -4.03 -3.21 -4.00
N ILE A 51 -4.33 -3.28 -2.71
CA ILE A 51 -3.33 -3.43 -1.64
C ILE A 51 -3.81 -4.44 -0.60
N CYS A 52 -2.87 -5.09 0.08
CA CYS A 52 -3.16 -6.00 1.18
C CYS A 52 -3.51 -5.30 2.51
N ASP A 53 -4.12 -6.04 3.44
CA ASP A 53 -4.48 -5.55 4.78
C ASP A 53 -3.29 -5.01 5.59
N PHE A 54 -2.09 -5.60 5.44
CA PHE A 54 -0.88 -5.19 6.14
C PHE A 54 -0.43 -3.81 5.66
N HIS A 55 -0.33 -3.63 4.33
CA HIS A 55 -0.02 -2.33 3.73
C HIS A 55 -1.09 -1.28 4.00
N LYS A 56 -2.37 -1.67 4.03
CA LYS A 56 -3.48 -0.78 4.42
C LYS A 56 -3.24 -0.20 5.82
N ASN A 57 -2.84 -1.03 6.79
CA ASN A 57 -2.47 -0.54 8.12
C ASN A 57 -1.19 0.30 8.10
N PHE A 58 -0.14 -0.09 7.37
CA PHE A 58 1.13 0.64 7.34
C PHE A 58 0.97 2.14 7.00
N ILE A 59 0.24 2.44 5.92
CA ILE A 59 -0.04 3.82 5.50
C ILE A 59 -0.82 4.60 6.59
N GLN A 60 -1.74 3.91 7.26
CA GLN A 60 -2.56 4.42 8.38
C GLN A 60 -1.72 4.64 9.65
N SER A 61 -0.78 3.76 9.99
CA SER A 61 0.10 3.88 11.16
C SER A 61 0.87 5.21 11.16
N VAL A 62 1.59 5.53 10.09
CA VAL A 62 2.32 6.80 9.97
C VAL A 62 1.36 8.02 9.90
N ARG A 63 0.18 7.85 9.28
CA ARG A 63 -0.89 8.88 9.23
C ARG A 63 -1.47 9.21 10.61
N ASN A 64 -1.50 8.23 11.52
CA ASN A 64 -1.98 8.39 12.88
C ASN A 64 -0.92 8.99 13.80
N LYS A 65 0.36 8.59 13.65
CA LYS A 65 1.48 9.14 14.44
C LYS A 65 1.73 10.63 14.21
N ARG A 66 1.55 11.16 12.98
CA ARG A 66 1.68 12.58 12.57
C ARG A 66 2.86 13.39 13.18
N LYS A 67 4.00 12.75 13.49
CA LYS A 67 5.19 13.35 14.14
C LYS A 67 5.99 14.35 13.25
N ARG A 68 5.36 15.35 12.64
CA ARG A 68 6.02 16.43 11.87
C ARG A 68 6.71 17.45 12.80
N LYS A 69 7.89 17.12 13.32
CA LYS A 69 8.75 18.03 14.12
C LYS A 69 10.22 17.83 13.76
N THR A 70 11.04 18.85 13.94
CA THR A 70 12.50 18.82 13.70
C THR A 70 13.23 19.90 14.53
ZN ZN B . 1.00 -5.36 0.44
N GLY A 1 -12.96 -18.89 -5.01
CA GLY A 1 -13.48 -18.33 -3.74
C GLY A 1 -13.00 -16.90 -3.61
N SER A 2 -12.67 -16.43 -2.40
CA SER A 2 -12.29 -15.02 -2.16
C SER A 2 -11.06 -14.46 -2.90
N TYR A 3 -10.26 -15.32 -3.56
CA TYR A 3 -9.14 -14.90 -4.38
C TYR A 3 -9.61 -14.38 -5.75
N GLY A 4 -8.99 -13.28 -6.19
CA GLY A 4 -9.29 -12.56 -7.43
C GLY A 4 -8.53 -11.24 -7.52
N GLN A 5 -8.22 -10.67 -6.35
CA GLN A 5 -7.47 -9.43 -6.18
C GLN A 5 -6.42 -9.59 -5.06
N SER A 6 -5.23 -9.05 -5.33
CA SER A 6 -4.04 -8.99 -4.47
C SER A 6 -3.42 -7.59 -4.55
N CYS A 7 -2.43 -7.32 -3.69
CA CYS A 7 -1.72 -6.05 -3.57
C CYS A 7 -1.11 -5.53 -4.90
N CYS A 8 -0.63 -4.29 -4.89
CA CYS A 8 0.04 -3.64 -6.03
C CYS A 8 1.30 -2.87 -5.63
N LEU A 9 1.61 -2.86 -4.34
CA LEU A 9 2.74 -2.13 -3.78
C LEU A 9 4.02 -2.96 -3.89
N ILE A 10 5.16 -2.30 -3.85
CA ILE A 10 6.49 -2.88 -4.04
C ILE A 10 7.40 -2.29 -2.99
N GLU A 11 7.97 -3.11 -2.10
CA GLU A 11 8.82 -2.60 -1.03
C GLU A 11 10.25 -3.10 -1.17
N ASP A 12 11.15 -2.15 -1.42
CA ASP A 12 12.58 -2.32 -1.75
C ASP A 12 12.84 -3.17 -3.02
N GLY A 13 11.76 -3.59 -3.70
CA GLY A 13 11.72 -4.41 -4.91
C GLY A 13 10.81 -5.64 -4.76
N GLU A 14 10.43 -6.01 -3.53
CA GLU A 14 9.48 -7.09 -3.28
C GLU A 14 8.06 -6.66 -3.65
N ARG A 15 7.60 -7.10 -4.84
CA ARG A 15 6.22 -6.91 -5.31
C ARG A 15 5.28 -7.70 -4.41
N CYS A 16 4.71 -7.03 -3.42
CA CYS A 16 3.77 -7.56 -2.45
C CYS A 16 2.72 -8.47 -3.10
N VAL A 17 2.48 -9.63 -2.49
CA VAL A 17 1.60 -10.69 -3.05
C VAL A 17 0.47 -11.10 -2.12
N ARG A 18 0.32 -10.38 -0.99
CA ARG A 18 -0.78 -10.56 -0.06
C ARG A 18 -2.14 -10.35 -0.77
N PRO A 19 -3.21 -11.06 -0.34
CA PRO A 19 -4.55 -10.87 -0.88
C PRO A 19 -5.03 -9.46 -0.58
N ALA A 20 -5.83 -8.88 -1.47
CA ALA A 20 -6.42 -7.55 -1.28
C ALA A 20 -7.85 -7.71 -0.75
N GLY A 21 -8.15 -7.03 0.36
CA GLY A 21 -9.42 -7.12 1.08
C GLY A 21 -9.72 -5.83 1.83
N ASN A 22 -10.81 -5.15 1.42
CA ASN A 22 -11.23 -3.86 1.97
C ASN A 22 -10.08 -2.82 2.05
N ALA A 23 -9.36 -2.65 0.94
CA ALA A 23 -8.25 -1.72 0.78
C ALA A 23 -8.01 -1.38 -0.72
N SER A 24 -7.59 -0.15 -1.01
CA SER A 24 -7.19 0.34 -2.34
C SER A 24 -6.18 1.50 -2.21
N PHE A 25 -5.63 1.94 -3.36
CA PHE A 25 -4.59 2.97 -3.46
C PHE A 25 -5.07 4.23 -4.21
N SER A 26 -6.16 4.81 -3.70
CA SER A 26 -6.72 6.08 -4.22
C SER A 26 -5.74 7.25 -4.07
N LYS A 27 -5.94 8.34 -4.83
CA LYS A 27 -5.15 9.60 -4.76
C LYS A 27 -4.96 10.16 -3.34
N ARG A 28 -5.96 10.01 -2.47
CA ARG A 28 -5.92 10.42 -1.05
C ARG A 28 -4.93 9.59 -0.20
N VAL A 29 -4.64 8.35 -0.63
CA VAL A 29 -3.69 7.41 -0.02
C VAL A 29 -2.28 7.64 -0.58
N GLN A 30 -2.15 7.85 -1.91
CA GLN A 30 -0.87 8.17 -2.57
C GLN A 30 -0.09 9.29 -1.85
N LYS A 31 -0.76 10.42 -1.59
CA LYS A 31 -0.15 11.58 -0.92
C LYS A 31 0.41 11.25 0.45
N SER A 32 -0.18 10.26 1.15
CA SER A 32 0.23 9.87 2.50
C SER A 32 1.61 9.18 2.47
N ILE A 33 1.87 8.41 1.40
CA ILE A 33 3.18 7.78 1.17
C ILE A 33 4.16 8.84 0.67
N SER A 34 3.75 9.65 -0.31
CA SER A 34 4.59 10.66 -0.95
C SER A 34 5.12 11.70 0.04
N GLN A 35 4.26 12.23 0.92
CA GLN A 35 4.66 13.17 1.98
C GLN A 35 5.56 12.53 3.06
N LYS A 36 5.76 11.21 3.00
CA LYS A 36 6.66 10.43 3.88
C LYS A 36 7.79 9.72 3.10
N LYS A 37 7.96 10.08 1.82
CA LYS A 37 9.00 9.67 0.86
C LYS A 37 9.55 8.25 1.05
N LEU A 38 8.64 7.31 1.21
CA LEU A 38 8.85 5.87 1.48
C LEU A 38 9.49 5.12 0.30
N LYS A 39 10.05 3.93 0.58
CA LYS A 39 10.60 3.00 -0.44
C LYS A 39 9.50 2.09 -1.02
N LEU A 40 8.35 2.67 -1.38
CA LEU A 40 7.16 1.92 -1.83
C LEU A 40 6.76 2.33 -3.25
N ASP A 41 7.05 1.46 -4.24
CA ASP A 41 6.73 1.65 -5.66
C ASP A 41 5.40 0.93 -6.02
N ILE A 42 5.00 0.97 -7.30
CA ILE A 42 3.73 0.46 -7.79
C ILE A 42 3.92 -0.50 -8.98
N ASP A 43 3.22 -1.63 -8.94
CA ASP A 43 3.17 -2.59 -10.03
C ASP A 43 2.45 -2.02 -11.28
N LYS A 44 3.25 -1.34 -12.09
CA LYS A 44 2.89 -0.75 -13.38
C LYS A 44 2.46 -1.80 -14.43
N SER A 45 2.79 -3.09 -14.25
CA SER A 45 2.38 -4.18 -15.16
C SER A 45 0.89 -4.49 -15.03
N VAL A 46 0.40 -4.65 -13.80
CA VAL A 46 -1.03 -4.94 -13.56
C VAL A 46 -1.89 -3.66 -13.55
N ARG A 47 -1.28 -2.47 -13.40
CA ARG A 47 -1.90 -1.12 -13.47
C ARG A 47 -3.05 -0.84 -12.46
N HIS A 48 -3.43 -1.83 -11.66
CA HIS A 48 -4.52 -1.80 -10.67
C HIS A 48 -4.18 -1.03 -9.38
N LEU A 49 -5.21 -0.59 -8.64
CA LEU A 49 -5.11 0.18 -7.38
C LEU A 49 -5.51 -0.67 -6.15
N TYR A 50 -5.26 -1.97 -6.14
CA TYR A 50 -5.55 -2.83 -5.00
C TYR A 50 -4.34 -2.97 -4.10
N ILE A 51 -4.56 -3.02 -2.78
CA ILE A 51 -3.52 -3.24 -1.77
C ILE A 51 -4.00 -4.28 -0.75
N CYS A 52 -3.07 -4.83 0.02
CA CYS A 52 -3.38 -5.75 1.12
C CYS A 52 -3.66 -5.03 2.45
N ASP A 53 -4.19 -5.81 3.40
CA ASP A 53 -4.43 -5.42 4.80
C ASP A 53 -3.18 -4.85 5.48
N PHE A 54 -2.06 -5.54 5.28
CA PHE A 54 -0.77 -5.26 5.88
C PHE A 54 -0.24 -3.89 5.42
N HIS A 55 -0.23 -3.65 4.11
CA HIS A 55 0.15 -2.34 3.56
C HIS A 55 -0.85 -1.24 3.89
N LYS A 56 -2.16 -1.54 4.00
CA LYS A 56 -3.15 -0.56 4.44
C LYS A 56 -2.79 0.00 5.82
N ASN A 57 -2.43 -0.86 6.78
CA ASN A 57 -2.02 -0.40 8.12
C ASN A 57 -0.76 0.48 8.06
N PHE A 58 0.26 0.09 7.29
CA PHE A 58 1.50 0.86 7.13
C PHE A 58 1.28 2.32 6.70
N ILE A 59 0.33 2.54 5.79
CA ILE A 59 -0.05 3.88 5.32
C ILE A 59 -1.04 4.56 6.31
N GLN A 60 -1.98 3.83 6.92
CA GLN A 60 -2.87 4.36 7.98
C GLN A 60 -2.05 4.90 9.16
N SER A 61 -0.96 4.21 9.52
CA SER A 61 0.00 4.58 10.57
C SER A 61 0.71 5.94 10.37
N VAL A 62 0.47 6.61 9.23
CA VAL A 62 0.94 7.98 8.96
C VAL A 62 -0.04 9.01 9.52
N ARG A 63 -1.35 8.79 9.34
CA ARG A 63 -2.46 9.65 9.83
C ARG A 63 -2.39 9.88 11.34
N ASN A 64 -1.87 8.90 12.07
CA ASN A 64 -1.62 8.94 13.52
C ASN A 64 -0.76 10.14 13.99
N LYS A 65 0.06 10.72 13.09
CA LYS A 65 0.94 11.86 13.40
C LYS A 65 0.14 13.17 13.36
N ARG A 66 -0.59 13.45 14.46
CA ARG A 66 -1.51 14.59 14.70
C ARG A 66 -0.84 15.99 14.70
N LYS A 67 -0.01 16.32 13.70
CA LYS A 67 0.74 17.59 13.52
C LYS A 67 -0.18 18.79 13.20
N ARG A 68 -0.98 19.24 14.17
CA ARG A 68 -1.83 20.45 14.09
C ARG A 68 -2.23 20.97 15.47
N LYS A 69 -2.39 22.29 15.60
CA LYS A 69 -2.88 22.92 16.83
C LYS A 69 -4.40 22.77 16.95
N THR A 70 -4.91 22.70 18.18
CA THR A 70 -6.35 22.66 18.47
C THR A 70 -7.00 24.04 18.26
ZN ZN B . 0.86 -5.27 0.30
N GLY A 1 -7.91 -14.62 -13.81
CA GLY A 1 -9.19 -15.33 -13.99
C GLY A 1 -10.07 -14.93 -12.83
N SER A 2 -10.70 -15.87 -12.13
CA SER A 2 -11.40 -15.58 -10.86
C SER A 2 -10.36 -15.01 -9.89
N TYR A 3 -9.24 -15.72 -9.78
CA TYR A 3 -8.05 -15.29 -9.05
C TYR A 3 -7.33 -14.19 -9.84
N GLY A 4 -7.01 -13.10 -9.15
CA GLY A 4 -6.23 -11.95 -9.62
C GLY A 4 -6.08 -10.85 -8.56
N GLN A 5 -6.10 -11.21 -7.28
CA GLN A 5 -6.13 -10.31 -6.14
C GLN A 5 -4.91 -10.50 -5.22
N SER A 6 -3.90 -9.69 -5.47
CA SER A 6 -2.69 -9.56 -4.66
C SER A 6 -2.23 -8.11 -4.75
N CYS A 7 -1.52 -7.66 -3.72
CA CYS A 7 -1.01 -6.31 -3.57
C CYS A 7 -0.25 -5.83 -4.83
N CYS A 8 -0.18 -4.51 -5.04
CA CYS A 8 0.53 -3.89 -6.16
C CYS A 8 1.71 -3.01 -5.72
N LEU A 9 1.89 -2.85 -4.40
CA LEU A 9 3.03 -2.14 -3.84
C LEU A 9 4.33 -2.93 -3.98
N ILE A 10 5.44 -2.22 -3.91
CA ILE A 10 6.80 -2.74 -3.96
C ILE A 10 7.55 -2.09 -2.81
N GLU A 11 8.36 -2.85 -2.06
CA GLU A 11 9.21 -2.28 -1.01
C GLU A 11 10.61 -2.88 -1.07
N ASP A 12 11.63 -2.03 -1.22
CA ASP A 12 13.04 -2.40 -1.48
C ASP A 12 13.23 -3.26 -2.76
N GLY A 13 12.19 -3.37 -3.59
CA GLY A 13 12.13 -4.20 -4.80
C GLY A 13 11.25 -5.44 -4.61
N GLU A 14 10.90 -5.82 -3.38
CA GLU A 14 9.97 -6.91 -3.12
C GLU A 14 8.56 -6.48 -3.51
N ARG A 15 8.05 -6.99 -4.64
CA ARG A 15 6.66 -6.78 -5.06
C ARG A 15 5.77 -7.49 -4.03
N CYS A 16 5.02 -6.75 -3.21
CA CYS A 16 4.17 -7.31 -2.17
C CYS A 16 3.21 -8.34 -2.78
N VAL A 17 3.30 -9.57 -2.29
CA VAL A 17 2.56 -10.74 -2.81
C VAL A 17 1.42 -11.19 -1.91
N ARG A 18 1.18 -10.45 -0.82
CA ARG A 18 0.04 -10.65 0.09
C ARG A 18 -1.29 -10.55 -0.69
N PRO A 19 -2.33 -11.31 -0.29
CA PRO A 19 -3.63 -11.30 -0.96
C PRO A 19 -4.29 -9.92 -0.83
N ALA A 20 -4.74 -9.35 -1.94
CA ALA A 20 -5.48 -8.09 -1.89
C ALA A 20 -6.93 -8.32 -1.46
N GLY A 21 -7.54 -7.31 -0.84
CA GLY A 21 -8.94 -7.34 -0.41
C GLY A 21 -9.64 -6.00 -0.65
N ASN A 22 -10.54 -5.63 0.25
CA ASN A 22 -11.27 -4.34 0.24
C ASN A 22 -10.35 -3.09 0.20
N ALA A 23 -9.06 -3.24 0.51
CA ALA A 23 -8.06 -2.18 0.41
C ALA A 23 -7.66 -1.87 -1.04
N SER A 24 -7.85 -0.62 -1.47
CA SER A 24 -7.46 -0.16 -2.80
C SER A 24 -6.59 1.10 -2.73
N PHE A 25 -5.72 1.23 -3.71
CA PHE A 25 -4.69 2.27 -3.81
C PHE A 25 -5.24 3.61 -4.35
N SER A 26 -6.38 4.06 -3.81
CA SER A 26 -7.08 5.26 -4.24
C SER A 26 -6.14 6.48 -4.27
N LYS A 27 -6.32 7.37 -5.25
CA LYS A 27 -5.44 8.54 -5.48
C LYS A 27 -5.24 9.42 -4.22
N ARG A 28 -6.22 9.48 -3.32
CA ARG A 28 -6.10 10.18 -2.01
C ARG A 28 -5.05 9.55 -1.09
N VAL A 29 -4.97 8.22 -1.07
CA VAL A 29 -4.06 7.42 -0.24
C VAL A 29 -2.61 7.60 -0.67
N GLN A 30 -2.33 7.46 -1.98
CA GLN A 30 -0.97 7.48 -2.50
C GLN A 30 -0.21 8.80 -2.27
N LYS A 31 -0.95 9.91 -2.19
CA LYS A 31 -0.40 11.23 -1.84
C LYS A 31 0.19 11.27 -0.42
N SER A 32 -0.42 10.55 0.52
CA SER A 32 0.10 10.40 1.90
C SER A 32 1.51 9.80 1.91
N ILE A 33 1.72 8.71 1.18
CA ILE A 33 3.01 7.99 1.06
C ILE A 33 4.11 8.95 0.57
N SER A 34 3.80 9.72 -0.48
CA SER A 34 4.70 10.72 -1.05
C SER A 34 5.13 11.78 -0.01
N GLN A 35 4.17 12.34 0.74
CA GLN A 35 4.44 13.27 1.85
C GLN A 35 5.07 12.62 3.11
N LYS A 36 5.49 11.35 2.99
CA LYS A 36 6.23 10.58 4.00
C LYS A 36 7.51 9.97 3.43
N LYS A 37 7.73 10.05 2.11
CA LYS A 37 8.90 9.55 1.36
C LYS A 37 9.31 8.11 1.74
N LEU A 38 8.30 7.26 1.95
CA LEU A 38 8.47 5.83 2.23
C LEU A 38 8.99 5.06 1.00
N LYS A 39 9.61 3.90 1.22
CA LYS A 39 10.22 3.01 0.20
C LYS A 39 9.20 2.28 -0.70
N LEU A 40 7.97 2.80 -0.84
CA LEU A 40 6.86 2.13 -1.53
C LEU A 40 6.70 2.55 -3.00
N ASP A 41 6.91 1.61 -3.93
CA ASP A 41 6.72 1.82 -5.38
C ASP A 41 5.53 1.01 -5.92
N ILE A 42 5.25 1.08 -7.24
CA ILE A 42 4.05 0.49 -7.85
C ILE A 42 4.34 -0.38 -9.09
N ASP A 43 3.85 -1.62 -9.02
CA ASP A 43 3.88 -2.61 -10.10
C ASP A 43 3.10 -2.16 -11.35
N LYS A 44 3.86 -1.79 -12.39
CA LYS A 44 3.35 -1.41 -13.71
C LYS A 44 2.77 -2.56 -14.52
N SER A 45 3.17 -3.81 -14.24
CA SER A 45 2.74 -5.00 -15.00
C SER A 45 1.31 -5.41 -14.65
N VAL A 46 0.91 -5.32 -13.37
CA VAL A 46 -0.48 -5.57 -12.93
C VAL A 46 -1.43 -4.40 -13.18
N ARG A 47 -0.89 -3.18 -13.38
CA ARG A 47 -1.59 -1.91 -13.65
C ARG A 47 -2.90 -1.69 -12.84
N HIS A 48 -3.00 -2.19 -11.60
CA HIS A 48 -4.22 -2.14 -10.78
C HIS A 48 -4.02 -1.41 -9.45
N LEU A 49 -5.11 -0.97 -8.83
CA LEU A 49 -5.13 -0.17 -7.61
C LEU A 49 -5.52 -1.01 -6.39
N TYR A 50 -4.85 -2.13 -6.15
CA TYR A 50 -5.20 -3.07 -5.07
C TYR A 50 -4.00 -3.27 -4.15
N ILE A 51 -4.27 -3.34 -2.84
CA ILE A 51 -3.27 -3.59 -1.81
C ILE A 51 -3.79 -4.63 -0.81
N CYS A 52 -2.87 -5.16 0.01
CA CYS A 52 -3.16 -6.07 1.11
C CYS A 52 -3.56 -5.34 2.40
N ASP A 53 -4.11 -6.08 3.38
CA ASP A 53 -4.51 -5.53 4.68
C ASP A 53 -3.31 -4.92 5.45
N PHE A 54 -2.16 -5.59 5.38
CA PHE A 54 -0.89 -5.24 6.01
C PHE A 54 -0.44 -3.84 5.58
N HIS A 55 -0.37 -3.61 4.25
CA HIS A 55 -0.06 -2.29 3.70
C HIS A 55 -1.19 -1.26 3.91
N LYS A 56 -2.46 -1.68 3.96
CA LYS A 56 -3.59 -0.79 4.30
C LYS A 56 -3.39 -0.16 5.68
N ASN A 57 -2.92 -0.93 6.67
CA ASN A 57 -2.60 -0.40 8.00
C ASN A 57 -1.39 0.55 7.92
N PHE A 58 -0.31 0.15 7.24
CA PHE A 58 0.94 0.92 7.16
C PHE A 58 0.73 2.38 6.71
N ILE A 59 -0.08 2.61 5.67
CA ILE A 59 -0.37 3.96 5.14
C ILE A 59 -1.28 4.78 6.09
N GLN A 60 -2.13 4.12 6.89
CA GLN A 60 -2.92 4.83 7.92
C GLN A 60 -2.04 5.14 9.15
N SER A 61 -1.05 4.29 9.43
CA SER A 61 -0.14 4.43 10.57
C SER A 61 0.81 5.62 10.49
N VAL A 62 0.97 6.28 9.33
CA VAL A 62 1.74 7.53 9.16
C VAL A 62 1.15 8.73 9.93
N ARG A 63 -0.03 8.54 10.55
CA ARG A 63 -0.74 9.49 11.43
C ARG A 63 -0.93 8.94 12.86
N ASN A 64 -0.62 7.66 13.09
CA ASN A 64 -0.67 7.01 14.40
C ASN A 64 0.65 7.21 15.17
N LYS A 65 0.79 6.60 16.36
CA LYS A 65 1.93 6.79 17.26
C LYS A 65 2.13 5.63 18.25
N ARG A 66 3.37 5.44 18.73
CA ARG A 66 3.78 4.32 19.61
C ARG A 66 4.68 4.73 20.79
N LYS A 67 4.86 6.04 21.01
CA LYS A 67 5.56 6.68 22.14
C LYS A 67 4.89 8.02 22.44
N ARG A 68 5.11 8.56 23.64
CA ARG A 68 4.47 9.78 24.16
C ARG A 68 5.05 11.06 23.53
N LYS A 69 4.65 11.38 22.30
CA LYS A 69 5.10 12.59 21.58
C LYS A 69 4.86 13.89 22.38
N THR A 70 5.69 14.90 22.13
CA THR A 70 5.71 16.22 22.80
C THR A 70 4.34 16.91 22.90
ZN ZN B . 1.07 -5.16 0.47
N GLY A 1 -13.07 -21.14 -0.83
CA GLY A 1 -11.94 -20.53 -1.56
C GLY A 1 -12.38 -19.14 -1.95
N SER A 2 -11.58 -18.12 -1.66
CA SER A 2 -11.96 -16.71 -1.86
C SER A 2 -10.73 -15.85 -2.18
N TYR A 3 -10.02 -16.17 -3.27
CA TYR A 3 -8.76 -15.52 -3.64
C TYR A 3 -8.76 -15.14 -5.14
N GLY A 4 -7.90 -14.21 -5.53
CA GLY A 4 -7.71 -13.80 -6.93
C GLY A 4 -7.04 -12.42 -7.02
N GLN A 5 -7.53 -11.46 -6.24
CA GLN A 5 -6.91 -10.14 -6.11
C GLN A 5 -5.80 -10.22 -5.05
N SER A 6 -4.72 -9.48 -5.31
CA SER A 6 -3.50 -9.41 -4.49
C SER A 6 -2.99 -7.97 -4.51
N CYS A 7 -2.11 -7.65 -3.56
CA CYS A 7 -1.41 -6.37 -3.48
C CYS A 7 -0.71 -6.02 -4.82
N CYS A 8 -0.42 -4.73 -5.04
CA CYS A 8 0.33 -4.21 -6.19
C CYS A 8 1.52 -3.33 -5.80
N LEU A 9 1.67 -3.12 -4.50
CA LEU A 9 2.77 -2.39 -3.90
C LEU A 9 4.07 -3.21 -4.00
N ILE A 10 5.17 -2.49 -3.86
CA ILE A 10 6.53 -3.00 -3.79
C ILE A 10 7.17 -2.26 -2.63
N GLU A 11 7.92 -2.94 -1.77
CA GLU A 11 8.63 -2.28 -0.67
C GLU A 11 10.10 -2.67 -0.64
N ASP A 12 10.95 -1.66 -0.80
CA ASP A 12 12.41 -1.71 -0.97
C ASP A 12 12.91 -2.62 -2.12
N GLY A 13 11.99 -3.19 -2.90
CA GLY A 13 12.21 -4.03 -4.08
C GLY A 13 11.47 -5.36 -4.00
N GLU A 14 11.07 -5.79 -2.80
CA GLU A 14 10.25 -6.99 -2.61
C GLU A 14 8.86 -6.75 -3.21
N ARG A 15 8.32 -7.74 -3.94
CA ARG A 15 6.99 -7.67 -4.55
C ARG A 15 5.96 -8.22 -3.57
N CYS A 16 5.25 -7.32 -2.90
CA CYS A 16 4.18 -7.69 -1.97
C CYS A 16 3.09 -8.52 -2.68
N VAL A 17 2.95 -9.79 -2.32
CA VAL A 17 2.02 -10.75 -2.94
C VAL A 17 0.93 -11.22 -1.97
N ARG A 18 0.75 -10.52 -0.85
CA ARG A 18 -0.34 -10.79 0.08
C ARG A 18 -1.71 -10.66 -0.62
N PRO A 19 -2.72 -11.43 -0.19
CA PRO A 19 -4.07 -11.34 -0.74
C PRO A 19 -4.65 -9.95 -0.44
N ALA A 20 -5.24 -9.32 -1.45
CA ALA A 20 -5.92 -8.04 -1.26
C ALA A 20 -7.36 -8.27 -0.78
N GLY A 21 -7.90 -7.34 0.00
CA GLY A 21 -9.26 -7.42 0.55
C GLY A 21 -10.07 -6.16 0.26
N ASN A 22 -10.83 -5.67 1.25
CA ASN A 22 -11.54 -4.39 1.17
C ASN A 22 -10.54 -3.22 1.42
N ALA A 23 -9.40 -3.29 0.73
CA ALA A 23 -8.29 -2.35 0.72
C ALA A 23 -7.83 -2.21 -0.74
N SER A 24 -7.76 -0.97 -1.21
CA SER A 24 -7.35 -0.62 -2.57
C SER A 24 -6.50 0.65 -2.54
N PHE A 25 -5.81 0.93 -3.63
CA PHE A 25 -4.99 2.13 -3.79
C PHE A 25 -5.80 3.28 -4.40
N SER A 26 -5.38 4.53 -4.20
CA SER A 26 -6.11 5.69 -4.74
C SER A 26 -5.24 6.94 -4.83
N LYS A 27 -5.62 7.88 -5.71
CA LYS A 27 -4.97 9.19 -5.84
C LYS A 27 -4.86 9.97 -4.52
N ARG A 28 -5.85 9.82 -3.62
CA ARG A 28 -5.84 10.41 -2.25
C ARG A 28 -4.87 9.76 -1.27
N VAL A 29 -4.48 8.50 -1.47
CA VAL A 29 -3.50 7.76 -0.64
C VAL A 29 -2.06 8.12 -1.06
N GLN A 30 -1.80 8.26 -2.36
CA GLN A 30 -0.51 8.66 -2.92
C GLN A 30 0.07 9.95 -2.30
N LYS A 31 -0.79 10.93 -1.97
CA LYS A 31 -0.39 12.17 -1.29
C LYS A 31 0.26 11.94 0.09
N SER A 32 -0.21 10.93 0.83
CA SER A 32 0.29 10.55 2.16
C SER A 32 1.71 9.97 2.06
N ILE A 33 1.91 9.05 1.12
CA ILE A 33 3.17 8.30 0.90
C ILE A 33 4.26 9.24 0.34
N SER A 34 3.92 9.99 -0.71
CA SER A 34 4.86 10.85 -1.43
C SER A 34 5.44 11.97 -0.56
N GLN A 35 4.59 12.66 0.22
CA GLN A 35 5.00 13.69 1.18
C GLN A 35 5.80 13.15 2.38
N LYS A 36 5.98 11.83 2.45
CA LYS A 36 6.81 11.10 3.44
C LYS A 36 8.02 10.41 2.80
N LYS A 37 8.08 10.36 1.46
CA LYS A 37 9.08 9.67 0.64
C LYS A 37 9.32 8.21 1.09
N LEU A 38 8.26 7.51 1.48
CA LEU A 38 8.31 6.08 1.82
C LEU A 38 8.80 5.23 0.64
N LYS A 39 9.44 4.10 0.97
CA LYS A 39 10.02 3.07 0.07
C LYS A 39 8.97 2.23 -0.70
N LEU A 40 7.79 2.79 -0.96
CA LEU A 40 6.62 2.10 -1.53
C LEU A 40 6.34 2.48 -2.99
N ASP A 41 6.59 1.55 -3.92
CA ASP A 41 6.39 1.73 -5.38
C ASP A 41 5.20 0.90 -5.91
N ILE A 42 4.92 0.97 -7.21
CA ILE A 42 3.73 0.37 -7.86
C ILE A 42 4.07 -0.49 -9.09
N ASP A 43 3.72 -1.77 -9.03
CA ASP A 43 3.85 -2.71 -10.16
C ASP A 43 3.03 -2.26 -11.40
N LYS A 44 3.70 -2.20 -12.56
CA LYS A 44 3.13 -1.75 -13.84
C LYS A 44 2.64 -2.92 -14.72
N SER A 45 2.91 -4.17 -14.35
CA SER A 45 2.42 -5.37 -15.03
C SER A 45 0.95 -5.63 -14.65
N VAL A 46 0.65 -5.84 -13.35
CA VAL A 46 -0.75 -6.07 -12.87
C VAL A 46 -1.71 -4.89 -13.09
N ARG A 47 -1.17 -3.70 -13.35
CA ARG A 47 -1.82 -2.40 -13.66
C ARG A 47 -3.07 -2.03 -12.82
N HIS A 48 -3.28 -2.68 -11.66
CA HIS A 48 -4.49 -2.54 -10.82
C HIS A 48 -4.22 -1.78 -9.50
N LEU A 49 -5.28 -1.37 -8.80
CA LEU A 49 -5.21 -0.55 -7.59
C LEU A 49 -5.62 -1.34 -6.34
N TYR A 50 -4.98 -2.46 -6.06
CA TYR A 50 -5.29 -3.31 -4.90
C TYR A 50 -4.10 -3.36 -3.94
N ILE A 51 -4.39 -3.42 -2.64
CA ILE A 51 -3.39 -3.57 -1.57
C ILE A 51 -3.87 -4.62 -0.56
N CYS A 52 -2.93 -5.15 0.21
CA CYS A 52 -3.21 -6.07 1.31
C CYS A 52 -3.56 -5.38 2.64
N ASP A 53 -4.00 -6.20 3.59
CA ASP A 53 -4.30 -5.83 4.97
C ASP A 53 -3.10 -5.22 5.69
N PHE A 54 -1.92 -5.82 5.51
CA PHE A 54 -0.66 -5.43 6.11
C PHE A 54 -0.26 -4.03 5.64
N HIS A 55 -0.24 -3.83 4.31
CA HIS A 55 0.07 -2.52 3.73
C HIS A 55 -0.97 -1.45 4.05
N LYS A 56 -2.25 -1.83 4.18
CA LYS A 56 -3.28 -0.90 4.62
C LYS A 56 -2.97 -0.34 6.02
N ASN A 57 -2.57 -1.18 6.98
CA ASN A 57 -2.17 -0.67 8.30
C ASN A 57 -0.85 0.14 8.23
N PHE A 58 0.09 -0.16 7.33
CA PHE A 58 1.31 0.62 7.13
C PHE A 58 1.03 2.08 6.75
N ILE A 59 0.26 2.32 5.68
CA ILE A 59 -0.07 3.69 5.25
C ILE A 59 -1.02 4.38 6.27
N GLN A 60 -1.93 3.63 6.90
CA GLN A 60 -2.79 4.18 7.96
C GLN A 60 -2.00 4.56 9.23
N SER A 61 -0.83 3.95 9.49
CA SER A 61 0.06 4.33 10.60
C SER A 61 0.51 5.80 10.51
N VAL A 62 0.72 6.30 9.29
CA VAL A 62 1.12 7.69 8.94
C VAL A 62 0.14 8.77 9.42
N ARG A 63 -1.06 8.38 9.90
CA ARG A 63 -2.05 9.28 10.51
C ARG A 63 -1.99 9.32 12.04
N ASN A 64 -1.40 8.31 12.68
CA ASN A 64 -1.28 8.13 14.15
C ASN A 64 -2.57 8.33 14.98
N LYS A 65 -3.75 8.31 14.33
CA LYS A 65 -5.05 8.62 14.92
C LYS A 65 -6.03 7.48 14.64
N ARG A 66 -5.90 6.39 15.39
CA ARG A 66 -6.74 5.19 15.29
C ARG A 66 -7.09 4.66 16.68
N LYS A 67 -8.29 4.13 16.85
CA LYS A 67 -8.77 3.45 18.07
C LYS A 67 -9.46 2.15 17.67
N ARG A 68 -9.24 1.09 18.45
CA ARG A 68 -9.76 -0.27 18.24
C ARG A 68 -9.93 -0.90 19.63
N LYS A 69 -11.08 -1.48 19.94
CA LYS A 69 -11.30 -2.22 21.19
C LYS A 69 -10.54 -3.56 21.09
N THR A 70 -9.99 -4.03 22.21
CA THR A 70 -9.29 -5.32 22.34
C THR A 70 -9.66 -5.97 23.68
ZN ZN B . 1.06 -5.42 0.42
N GLY A 1 2.96 -16.03 -8.31
CA GLY A 1 2.57 -14.94 -9.23
C GLY A 1 1.15 -15.17 -9.69
N SER A 2 0.66 -14.36 -10.65
CA SER A 2 -0.65 -14.52 -11.31
C SER A 2 -1.91 -14.49 -10.42
N TYR A 3 -1.80 -14.10 -9.13
CA TYR A 3 -2.96 -13.95 -8.26
C TYR A 3 -3.86 -12.77 -8.70
N GLY A 4 -5.18 -12.94 -8.62
CA GLY A 4 -6.15 -11.88 -8.93
C GLY A 4 -6.26 -10.83 -7.83
N GLN A 5 -6.59 -11.26 -6.61
CA GLN A 5 -6.61 -10.39 -5.43
C GLN A 5 -5.42 -10.61 -4.49
N SER A 6 -4.33 -9.97 -4.89
CA SER A 6 -3.10 -9.82 -4.13
C SER A 6 -2.74 -8.35 -4.18
N CYS A 7 -1.88 -7.92 -3.27
CA CYS A 7 -1.31 -6.59 -3.28
C CYS A 7 -0.63 -6.30 -4.63
N CYS A 8 -0.39 -5.01 -4.90
CA CYS A 8 0.32 -4.54 -6.08
C CYS A 8 1.42 -3.51 -5.76
N LEU A 9 1.67 -3.28 -4.46
CA LEU A 9 2.76 -2.46 -3.98
C LEU A 9 4.11 -3.18 -4.14
N ILE A 10 5.19 -2.44 -3.97
CA ILE A 10 6.56 -2.94 -3.97
C ILE A 10 7.23 -2.25 -2.79
N GLU A 11 8.02 -2.97 -1.99
CA GLU A 11 8.79 -2.36 -0.90
C GLU A 11 10.25 -2.80 -0.95
N ASP A 12 11.13 -1.82 -1.17
CA ASP A 12 12.59 -1.96 -1.43
C ASP A 12 12.94 -2.84 -2.67
N GLY A 13 11.91 -3.31 -3.39
CA GLY A 13 11.99 -4.23 -4.53
C GLY A 13 11.14 -5.48 -4.35
N GLU A 14 10.71 -5.80 -3.12
CA GLU A 14 9.79 -6.91 -2.87
C GLU A 14 8.38 -6.56 -3.34
N ARG A 15 8.00 -7.12 -4.50
CA ARG A 15 6.66 -7.00 -5.07
C ARG A 15 5.64 -7.71 -4.16
N CYS A 16 5.04 -6.99 -3.22
CA CYS A 16 4.11 -7.51 -2.21
C CYS A 16 3.11 -8.53 -2.79
N VAL A 17 2.98 -9.66 -2.10
CA VAL A 17 2.19 -10.83 -2.53
C VAL A 17 1.13 -11.27 -1.52
N ARG A 18 0.95 -10.52 -0.43
CA ARG A 18 -0.14 -10.78 0.52
C ARG A 18 -1.51 -10.71 -0.19
N PRO A 19 -2.53 -11.42 0.31
CA PRO A 19 -3.87 -11.39 -0.25
C PRO A 19 -4.48 -9.99 -0.12
N ALA A 20 -5.03 -9.46 -1.20
CA ALA A 20 -5.75 -8.19 -1.15
C ALA A 20 -7.14 -8.43 -0.58
N GLY A 21 -7.50 -7.70 0.47
CA GLY A 21 -8.83 -7.73 1.09
C GLY A 21 -9.54 -6.38 0.91
N ASN A 22 -10.19 -5.91 1.97
CA ASN A 22 -10.81 -4.57 2.04
C ASN A 22 -9.73 -3.47 2.04
N ALA A 23 -9.02 -3.27 0.94
CA ALA A 23 -8.00 -2.23 0.79
C ALA A 23 -7.70 -1.88 -0.69
N SER A 24 -7.69 -0.59 -1.02
CA SER A 24 -7.35 -0.11 -2.38
C SER A 24 -6.59 1.22 -2.40
N PHE A 25 -5.68 1.33 -3.36
CA PHE A 25 -4.75 2.43 -3.60
C PHE A 25 -5.42 3.66 -4.26
N SER A 26 -6.40 4.23 -3.57
CA SER A 26 -7.12 5.41 -4.02
C SER A 26 -6.21 6.64 -4.00
N LYS A 27 -6.38 7.58 -4.95
CA LYS A 27 -5.53 8.79 -5.16
C LYS A 27 -5.22 9.61 -3.90
N ARG A 28 -6.08 9.57 -2.87
CA ARG A 28 -5.86 10.21 -1.56
C ARG A 28 -4.64 9.64 -0.81
N VAL A 29 -4.39 8.34 -0.97
CA VAL A 29 -3.34 7.57 -0.28
C VAL A 29 -1.93 7.95 -0.76
N GLN A 30 -1.74 8.17 -2.07
CA GLN A 30 -0.48 8.63 -2.68
C GLN A 30 0.15 9.83 -1.96
N LYS A 31 -0.64 10.84 -1.57
CA LYS A 31 -0.15 11.99 -0.80
C LYS A 31 0.35 11.62 0.60
N SER A 32 -0.37 10.74 1.29
CA SER A 32 0.11 10.26 2.60
C SER A 32 1.45 9.52 2.54
N ILE A 33 1.75 8.86 1.42
CA ILE A 33 3.03 8.18 1.18
C ILE A 33 4.10 9.19 0.72
N SER A 34 3.78 10.09 -0.21
CA SER A 34 4.70 11.10 -0.76
C SER A 34 5.28 12.01 0.33
N GLN A 35 4.42 12.61 1.15
CA GLN A 35 4.85 13.41 2.31
C GLN A 35 5.63 12.59 3.36
N LYS A 36 5.64 11.25 3.27
CA LYS A 36 6.43 10.35 4.12
C LYS A 36 7.66 9.78 3.44
N LYS A 37 7.83 9.96 2.12
CA LYS A 37 8.90 9.45 1.24
C LYS A 37 9.31 8.00 1.56
N LEU A 38 8.31 7.15 1.70
CA LEU A 38 8.45 5.70 1.88
C LEU A 38 8.90 5.06 0.55
N LYS A 39 9.49 3.86 0.63
CA LYS A 39 9.91 3.04 -0.52
C LYS A 39 8.76 2.20 -1.12
N LEU A 40 7.55 2.77 -1.23
CA LEU A 40 6.35 2.05 -1.66
C LEU A 40 6.00 2.34 -3.12
N ASP A 41 6.53 1.51 -4.03
CA ASP A 41 6.34 1.61 -5.48
C ASP A 41 5.12 0.81 -5.98
N ILE A 42 4.80 0.90 -7.28
CA ILE A 42 3.58 0.31 -7.88
C ILE A 42 3.91 -0.63 -9.06
N ASP A 43 3.57 -1.90 -8.91
CA ASP A 43 3.69 -2.91 -9.97
C ASP A 43 2.63 -2.70 -11.07
N LYS A 44 3.10 -2.33 -12.27
CA LYS A 44 2.26 -2.15 -13.45
C LYS A 44 1.84 -3.46 -14.13
N SER A 45 2.31 -4.64 -13.69
CA SER A 45 1.99 -5.95 -14.28
C SER A 45 0.49 -6.22 -14.40
N VAL A 46 -0.31 -5.82 -13.39
CA VAL A 46 -1.75 -6.09 -13.31
C VAL A 46 -2.59 -4.80 -13.41
N ARG A 47 -1.94 -3.62 -13.48
CA ARG A 47 -2.56 -2.27 -13.54
C ARG A 47 -3.76 -2.02 -12.60
N HIS A 48 -3.88 -2.74 -11.47
CA HIS A 48 -5.02 -2.67 -10.55
C HIS A 48 -4.68 -1.91 -9.25
N LEU A 49 -5.66 -1.23 -8.66
CA LEU A 49 -5.47 -0.42 -7.44
C LEU A 49 -5.71 -1.19 -6.14
N TYR A 50 -5.26 -2.45 -6.04
CA TYR A 50 -5.46 -3.29 -4.85
C TYR A 50 -4.21 -3.40 -4.00
N ILE A 51 -4.40 -3.46 -2.67
CA ILE A 51 -3.34 -3.67 -1.68
C ILE A 51 -3.78 -4.70 -0.61
N CYS A 52 -2.82 -5.18 0.19
CA CYS A 52 -3.06 -6.06 1.33
C CYS A 52 -3.43 -5.32 2.63
N ASP A 53 -3.86 -6.09 3.64
CA ASP A 53 -4.15 -5.62 5.00
C ASP A 53 -2.92 -4.98 5.69
N PHE A 54 -1.74 -5.56 5.47
CA PHE A 54 -0.49 -5.17 6.11
C PHE A 54 -0.07 -3.79 5.63
N HIS A 55 -0.04 -3.58 4.30
CA HIS A 55 0.22 -2.26 3.72
C HIS A 55 -0.90 -1.25 4.04
N LYS A 56 -2.17 -1.68 4.09
CA LYS A 56 -3.28 -0.80 4.52
C LYS A 56 -3.02 -0.22 5.91
N ASN A 57 -2.57 -1.03 6.88
CA ASN A 57 -2.25 -0.51 8.21
C ASN A 57 -1.00 0.37 8.20
N PHE A 58 0.08 -0.06 7.54
CA PHE A 58 1.37 0.65 7.49
C PHE A 58 1.19 2.12 7.08
N ILE A 59 0.45 2.36 6.01
CA ILE A 59 0.16 3.69 5.49
C ILE A 59 -0.81 4.44 6.43
N GLN A 60 -1.89 3.80 6.88
CA GLN A 60 -2.88 4.43 7.76
C GLN A 60 -2.31 4.87 9.11
N SER A 61 -1.32 4.13 9.64
CA SER A 61 -0.59 4.48 10.86
C SER A 61 0.05 5.86 10.72
N VAL A 62 0.85 6.09 9.67
CA VAL A 62 1.48 7.41 9.41
C VAL A 62 0.48 8.47 8.91
N ARG A 63 -0.62 8.06 8.25
CA ARG A 63 -1.69 8.97 7.82
C ARG A 63 -2.36 9.67 9.00
N ASN A 64 -2.60 8.96 10.11
CA ASN A 64 -3.13 9.56 11.34
C ASN A 64 -2.03 10.17 12.22
N LYS A 65 -0.85 9.54 12.35
CA LYS A 65 0.29 10.00 13.17
C LYS A 65 1.02 11.21 12.55
N ARG A 66 0.36 12.37 12.55
CA ARG A 66 0.91 13.64 12.02
C ARG A 66 0.35 14.86 12.76
N LYS A 67 1.05 16.00 12.64
CA LYS A 67 0.66 17.30 13.22
C LYS A 67 -0.80 17.64 12.92
N ARG A 68 -1.62 17.70 13.98
CA ARG A 68 -3.03 18.13 13.92
C ARG A 68 -3.13 19.57 13.36
N LYS A 69 -4.17 19.84 12.57
CA LYS A 69 -4.52 21.18 12.04
C LYS A 69 -6.04 21.38 11.90
N THR A 70 -6.74 20.40 11.33
CA THR A 70 -8.18 20.49 11.01
C THR A 70 -8.89 19.15 11.21
ZN ZN B . 1.12 -5.29 0.51
N GLY A 1 -9.15 -14.48 -4.17
CA GLY A 1 -8.72 -15.48 -5.18
C GLY A 1 -7.23 -15.71 -5.03
N SER A 2 -6.80 -16.89 -4.58
CA SER A 2 -5.40 -17.22 -4.24
C SER A 2 -4.33 -16.81 -5.27
N TYR A 3 -4.59 -17.01 -6.57
CA TYR A 3 -3.61 -16.78 -7.64
C TYR A 3 -3.94 -15.50 -8.45
N GLY A 4 -3.85 -14.33 -7.82
CA GLY A 4 -4.02 -13.03 -8.50
C GLY A 4 -4.64 -11.90 -7.67
N GLN A 5 -5.47 -12.22 -6.66
CA GLN A 5 -6.02 -11.23 -5.74
C GLN A 5 -5.02 -11.02 -4.61
N SER A 6 -3.89 -10.43 -4.98
CA SER A 6 -2.73 -10.22 -4.12
C SER A 6 -2.17 -8.82 -4.34
N CYS A 7 -1.37 -8.33 -3.39
CA CYS A 7 -0.83 -6.99 -3.35
C CYS A 7 -0.10 -6.54 -4.65
N CYS A 8 -0.12 -5.24 -4.89
CA CYS A 8 0.56 -4.55 -5.99
C CYS A 8 1.69 -3.61 -5.54
N LEU A 9 2.00 -3.56 -4.24
CA LEU A 9 3.05 -2.70 -3.71
C LEU A 9 4.42 -3.37 -3.74
N ILE A 10 5.47 -2.56 -3.61
CA ILE A 10 6.88 -2.95 -3.63
C ILE A 10 7.57 -2.10 -2.57
N GLU A 11 8.32 -2.73 -1.66
CA GLU A 11 8.93 -2.03 -0.53
C GLU A 11 10.42 -2.40 -0.45
N ASP A 12 11.29 -1.40 -0.61
CA ASP A 12 12.75 -1.55 -0.76
C ASP A 12 13.17 -2.39 -2.00
N GLY A 13 12.19 -2.87 -2.77
CA GLY A 13 12.32 -3.74 -3.94
C GLY A 13 11.74 -5.14 -3.70
N GLU A 14 11.47 -5.51 -2.44
CA GLU A 14 10.76 -6.74 -2.12
C GLU A 14 9.34 -6.65 -2.69
N ARG A 15 8.90 -7.69 -3.39
CA ARG A 15 7.62 -7.69 -4.07
C ARG A 15 6.54 -8.19 -3.13
N CYS A 16 5.72 -7.27 -2.62
CA CYS A 16 4.56 -7.62 -1.80
C CYS A 16 3.63 -8.57 -2.60
N VAL A 17 3.36 -9.74 -2.03
CA VAL A 17 2.50 -10.81 -2.60
C VAL A 17 1.46 -11.32 -1.60
N ARG A 18 1.33 -10.65 -0.44
CA ARG A 18 0.29 -10.96 0.55
C ARG A 18 -1.11 -10.93 -0.09
N PRO A 19 -2.07 -11.72 0.40
CA PRO A 19 -3.42 -11.76 -0.15
C PRO A 19 -4.09 -10.39 -0.02
N ALA A 20 -4.68 -9.91 -1.12
CA ALA A 20 -5.39 -8.64 -1.15
C ALA A 20 -6.75 -8.78 -0.44
N GLY A 21 -6.94 -7.97 0.60
CA GLY A 21 -8.19 -7.86 1.34
C GLY A 21 -9.10 -6.80 0.71
N ASN A 22 -9.98 -6.21 1.52
CA ASN A 22 -10.85 -5.10 1.13
C ASN A 22 -10.09 -3.76 1.11
N ALA A 23 -8.95 -3.75 0.38
CA ALA A 23 -7.99 -2.66 0.30
C ALA A 23 -7.56 -2.39 -1.15
N SER A 24 -7.57 -1.12 -1.56
CA SER A 24 -7.19 -0.71 -2.92
C SER A 24 -6.48 0.65 -3.00
N PHE A 25 -5.47 0.72 -3.87
CA PHE A 25 -4.57 1.86 -4.07
C PHE A 25 -5.23 3.01 -4.87
N SER A 26 -6.15 3.70 -4.22
CA SER A 26 -6.83 4.86 -4.83
C SER A 26 -5.88 6.05 -4.91
N LYS A 27 -5.95 6.84 -5.99
CA LYS A 27 -5.08 8.03 -6.26
C LYS A 27 -4.85 8.96 -5.05
N ARG A 28 -5.88 9.18 -4.21
CA ARG A 28 -5.79 9.95 -2.95
C ARG A 28 -4.71 9.44 -1.98
N VAL A 29 -4.44 8.14 -1.95
CA VAL A 29 -3.48 7.48 -1.06
C VAL A 29 -2.04 7.92 -1.39
N GLN A 30 -1.70 8.10 -2.67
CA GLN A 30 -0.41 8.62 -3.12
C GLN A 30 0.00 9.93 -2.43
N LYS A 31 -0.96 10.84 -2.17
CA LYS A 31 -0.69 12.12 -1.47
C LYS A 31 -0.07 11.89 -0.10
N SER A 32 -0.64 10.97 0.67
CA SER A 32 -0.20 10.62 2.02
C SER A 32 1.22 10.04 2.02
N ILE A 33 1.47 9.08 1.13
CA ILE A 33 2.76 8.38 0.97
C ILE A 33 3.85 9.40 0.63
N SER A 34 3.59 10.26 -0.38
CA SER A 34 4.52 11.29 -0.84
C SER A 34 4.85 12.32 0.24
N GLN A 35 3.83 12.83 0.94
CA GLN A 35 3.99 13.76 2.08
C GLN A 35 4.78 13.14 3.26
N LYS A 36 4.95 11.82 3.26
CA LYS A 36 5.65 11.04 4.30
C LYS A 36 6.90 10.33 3.77
N LYS A 37 7.24 10.54 2.49
CA LYS A 37 8.32 9.89 1.73
C LYS A 37 8.41 8.36 1.93
N LEU A 38 7.28 7.67 2.15
CA LEU A 38 7.21 6.21 2.23
C LEU A 38 7.74 5.55 0.95
N LYS A 39 8.55 4.51 1.10
CA LYS A 39 9.23 3.78 0.02
C LYS A 39 8.34 2.66 -0.57
N LEU A 40 7.17 3.02 -1.06
CA LEU A 40 6.13 2.10 -1.55
C LEU A 40 5.84 2.32 -3.05
N ASP A 41 6.53 1.55 -3.90
CA ASP A 41 6.34 1.59 -5.37
C ASP A 41 5.21 0.66 -5.86
N ILE A 42 4.91 0.67 -7.17
CA ILE A 42 3.76 -0.04 -7.76
C ILE A 42 4.07 -0.96 -8.94
N ASP A 43 3.50 -2.17 -8.87
CA ASP A 43 3.50 -3.22 -9.89
C ASP A 43 2.75 -2.84 -11.19
N LYS A 44 3.42 -2.05 -12.04
CA LYS A 44 2.94 -1.70 -13.38
C LYS A 44 2.88 -2.90 -14.34
N SER A 45 3.46 -4.04 -14.00
CA SER A 45 3.36 -5.29 -14.78
C SER A 45 1.91 -5.78 -14.89
N VAL A 46 1.11 -5.65 -13.82
CA VAL A 46 -0.30 -6.09 -13.76
C VAL A 46 -1.29 -4.92 -13.88
N ARG A 47 -0.86 -3.67 -13.65
CA ARG A 47 -1.66 -2.43 -13.82
C ARG A 47 -2.93 -2.35 -12.97
N HIS A 48 -3.01 -3.13 -11.88
CA HIS A 48 -4.13 -3.14 -10.92
C HIS A 48 -3.82 -2.34 -9.64
N LEU A 49 -4.86 -2.02 -8.86
CA LEU A 49 -4.80 -1.15 -7.67
C LEU A 49 -5.23 -1.90 -6.39
N TYR A 50 -4.69 -3.09 -6.15
CA TYR A 50 -5.06 -3.94 -5.01
C TYR A 50 -3.88 -4.10 -4.05
N ILE A 51 -4.15 -4.06 -2.74
CA ILE A 51 -3.11 -4.14 -1.72
C ILE A 51 -3.51 -5.11 -0.60
N CYS A 52 -2.52 -5.62 0.11
CA CYS A 52 -2.75 -6.43 1.30
C CYS A 52 -3.16 -5.55 2.51
N ASP A 53 -3.88 -6.14 3.47
CA ASP A 53 -4.29 -5.42 4.68
C ASP A 53 -3.11 -4.92 5.54
N PHE A 54 -1.95 -5.57 5.44
CA PHE A 54 -0.70 -5.16 6.07
C PHE A 54 -0.32 -3.75 5.60
N HIS A 55 -0.24 -3.58 4.27
CA HIS A 55 0.00 -2.28 3.65
C HIS A 55 -1.17 -1.28 3.83
N LYS A 56 -2.42 -1.77 3.89
CA LYS A 56 -3.59 -0.90 4.19
C LYS A 56 -3.45 -0.21 5.55
N ASN A 57 -3.01 -0.95 6.58
CA ASN A 57 -2.78 -0.38 7.92
C ASN A 57 -1.48 0.43 7.97
N PHE A 58 -0.42 0.05 7.23
CA PHE A 58 0.87 0.76 7.24
C PHE A 58 0.77 2.25 6.87
N ILE A 59 0.10 2.58 5.77
CA ILE A 59 -0.07 3.97 5.30
C ILE A 59 -0.91 4.80 6.31
N GLN A 60 -1.84 4.14 7.02
CA GLN A 60 -2.59 4.75 8.12
C GLN A 60 -1.75 4.85 9.40
N SER A 61 -0.81 3.93 9.64
CA SER A 61 0.04 3.89 10.82
C SER A 61 0.91 5.13 10.97
N VAL A 62 1.60 5.54 9.89
CA VAL A 62 2.39 6.78 9.85
C VAL A 62 1.47 8.04 9.85
N ARG A 63 0.16 7.86 9.76
CA ARG A 63 -0.86 8.92 9.89
C ARG A 63 -1.46 8.92 11.32
N ASN A 64 -1.15 7.92 12.14
CA ASN A 64 -1.54 7.81 13.56
C ASN A 64 -0.37 8.26 14.45
N LYS A 65 -0.44 7.96 15.76
CA LYS A 65 0.63 8.18 16.75
C LYS A 65 0.53 7.17 17.88
N ARG A 66 -0.68 6.98 18.43
CA ARG A 66 -0.98 5.97 19.46
C ARG A 66 -1.30 4.63 18.79
N LYS A 67 -0.32 3.72 18.69
CA LYS A 67 -0.53 2.35 18.18
C LYS A 67 0.57 1.42 18.70
N ARG A 68 0.25 0.14 18.89
CA ARG A 68 1.25 -0.89 19.25
C ARG A 68 2.08 -1.29 18.03
N LYS A 69 3.17 -2.03 18.27
CA LYS A 69 4.05 -2.63 17.24
C LYS A 69 4.40 -4.06 17.62
N THR A 70 4.71 -4.87 16.62
CA THR A 70 5.07 -6.30 16.75
C THR A 70 6.22 -6.64 15.81
ZN ZN B . 1.35 -5.33 0.43
N GLY A 1 -14.87 -13.85 -10.97
CA GLY A 1 -13.94 -14.99 -11.08
C GLY A 1 -12.66 -14.68 -10.32
N SER A 2 -11.78 -15.66 -10.12
CA SER A 2 -10.46 -15.43 -9.52
C SER A 2 -9.51 -14.74 -10.51
N TYR A 3 -8.51 -14.04 -9.99
CA TYR A 3 -7.42 -13.39 -10.74
C TYR A 3 -6.18 -13.18 -9.83
N GLY A 4 -5.94 -14.12 -8.91
CA GLY A 4 -4.86 -14.04 -7.91
C GLY A 4 -5.09 -13.04 -6.77
N GLN A 5 -5.91 -11.99 -7.00
CA GLN A 5 -6.35 -10.94 -6.05
C GLN A 5 -5.35 -10.67 -4.93
N SER A 6 -4.13 -10.32 -5.32
CA SER A 6 -3.03 -10.00 -4.42
C SER A 6 -2.68 -8.51 -4.55
N CYS A 7 -1.79 -8.05 -3.67
CA CYS A 7 -1.31 -6.67 -3.59
C CYS A 7 -0.71 -6.12 -4.91
N CYS A 8 -0.14 -4.92 -4.83
CA CYS A 8 0.53 -4.26 -5.94
C CYS A 8 1.67 -3.33 -5.49
N LEU A 9 1.85 -3.16 -4.18
CA LEU A 9 2.96 -2.37 -3.65
C LEU A 9 4.27 -3.15 -3.77
N ILE A 10 5.37 -2.43 -3.63
CA ILE A 10 6.75 -2.93 -3.62
C ILE A 10 7.46 -2.24 -2.46
N GLU A 11 8.32 -2.96 -1.74
CA GLU A 11 9.14 -2.35 -0.70
C GLU A 11 10.55 -2.94 -0.75
N ASP A 12 11.54 -2.06 -0.87
CA ASP A 12 12.99 -2.35 -1.09
C ASP A 12 13.30 -3.21 -2.35
N GLY A 13 12.26 -3.62 -3.08
CA GLY A 13 12.31 -4.47 -4.27
C GLY A 13 11.46 -5.73 -4.15
N GLU A 14 10.99 -6.08 -2.94
CA GLU A 14 10.04 -7.16 -2.72
C GLU A 14 8.69 -6.72 -3.28
N ARG A 15 8.15 -7.46 -4.27
CA ARG A 15 6.82 -7.21 -4.82
C ARG A 15 5.78 -7.89 -3.93
N CYS A 16 5.36 -7.17 -2.89
CA CYS A 16 4.31 -7.57 -1.94
C CYS A 16 3.30 -8.55 -2.55
N VAL A 17 3.40 -9.81 -2.12
CA VAL A 17 2.64 -10.97 -2.61
C VAL A 17 1.42 -11.29 -1.74
N ARG A 18 1.20 -10.54 -0.65
CA ARG A 18 0.09 -10.74 0.28
C ARG A 18 -1.29 -10.66 -0.44
N PRO A 19 -2.30 -11.41 0.04
CA PRO A 19 -3.65 -11.38 -0.52
C PRO A 19 -4.27 -9.99 -0.33
N ALA A 20 -4.90 -9.49 -1.38
CA ALA A 20 -5.62 -8.23 -1.36
C ALA A 20 -7.01 -8.39 -0.72
N GLY A 21 -7.66 -7.26 -0.52
CA GLY A 21 -9.05 -7.20 -0.06
C GLY A 21 -9.74 -5.95 -0.58
N ASN A 22 -10.73 -5.44 0.15
CA ASN A 22 -11.43 -4.17 -0.16
C ASN A 22 -10.53 -2.90 -0.07
N ALA A 23 -9.20 -3.06 0.07
CA ALA A 23 -8.21 -1.98 0.07
C ALA A 23 -7.73 -1.69 -1.37
N SER A 24 -7.56 -0.41 -1.72
CA SER A 24 -7.03 -0.02 -3.03
C SER A 24 -6.04 1.15 -2.93
N PHE A 25 -5.14 1.23 -3.90
CA PHE A 25 -4.18 2.31 -4.11
C PHE A 25 -4.81 3.46 -4.93
N SER A 26 -6.02 3.85 -4.51
CA SER A 26 -6.78 4.94 -5.14
C SER A 26 -5.98 6.25 -5.06
N LYS A 27 -6.12 7.14 -6.06
CA LYS A 27 -5.35 8.40 -6.19
C LYS A 27 -5.09 9.17 -4.89
N ARG A 28 -6.08 9.29 -4.00
CA ARG A 28 -5.94 9.96 -2.69
C ARG A 28 -4.83 9.40 -1.78
N VAL A 29 -4.58 8.09 -1.87
CA VAL A 29 -3.57 7.35 -1.09
C VAL A 29 -2.15 7.78 -1.46
N GLN A 30 -1.90 8.07 -2.75
CA GLN A 30 -0.62 8.53 -3.27
C GLN A 30 -0.16 9.84 -2.60
N LYS A 31 -1.09 10.78 -2.36
CA LYS A 31 -0.79 12.06 -1.67
C LYS A 31 -0.29 11.83 -0.24
N SER A 32 -0.94 10.91 0.48
CA SER A 32 -0.56 10.54 1.84
C SER A 32 0.87 10.00 1.92
N ILE A 33 1.22 9.06 1.04
CA ILE A 33 2.55 8.46 0.98
C ILE A 33 3.60 9.49 0.52
N SER A 34 3.28 10.34 -0.46
CA SER A 34 4.15 11.43 -0.92
C SER A 34 4.57 12.35 0.22
N GLN A 35 3.63 12.74 1.09
CA GLN A 35 3.90 13.56 2.28
C GLN A 35 4.57 12.78 3.42
N LYS A 36 4.93 11.50 3.19
CA LYS A 36 5.66 10.62 4.12
C LYS A 36 6.99 10.10 3.54
N LYS A 37 7.20 10.23 2.23
CA LYS A 37 8.39 9.83 1.45
C LYS A 37 8.87 8.40 1.73
N LEU A 38 7.92 7.49 1.99
CA LEU A 38 8.15 6.07 2.17
C LEU A 38 8.77 5.43 0.90
N LYS A 39 9.54 4.36 1.10
CA LYS A 39 10.18 3.52 0.07
C LYS A 39 9.23 2.53 -0.63
N LEU A 40 7.97 2.93 -0.83
CA LEU A 40 6.91 2.11 -1.42
C LEU A 40 6.70 2.46 -2.90
N ASP A 41 6.92 1.49 -3.79
CA ASP A 41 6.69 1.61 -5.24
C ASP A 41 5.47 0.76 -5.70
N ILE A 42 5.17 0.74 -6.99
CA ILE A 42 3.97 0.10 -7.56
C ILE A 42 4.29 -0.80 -8.75
N ASP A 43 4.03 -2.09 -8.56
CA ASP A 43 4.14 -3.11 -9.61
C ASP A 43 3.27 -2.77 -10.83
N LYS A 44 3.89 -2.74 -12.03
CA LYS A 44 3.20 -2.49 -13.30
C LYS A 44 2.82 -3.77 -14.04
N SER A 45 3.24 -4.95 -13.58
CA SER A 45 2.89 -6.25 -14.18
C SER A 45 1.37 -6.48 -14.26
N VAL A 46 0.69 -6.46 -13.12
CA VAL A 46 -0.78 -6.66 -13.04
C VAL A 46 -1.56 -5.38 -13.39
N ARG A 47 -0.88 -4.24 -13.58
CA ARG A 47 -1.35 -2.86 -13.84
C ARG A 47 -2.43 -2.28 -12.89
N HIS A 48 -3.07 -3.10 -12.05
CA HIS A 48 -4.19 -2.77 -11.15
C HIS A 48 -3.83 -1.82 -9.99
N LEU A 49 -4.83 -1.53 -9.15
CA LEU A 49 -4.74 -0.64 -7.98
C LEU A 49 -5.15 -1.35 -6.67
N TYR A 50 -4.98 -2.68 -6.54
CA TYR A 50 -5.28 -3.39 -5.29
C TYR A 50 -4.11 -3.42 -4.33
N ILE A 51 -4.38 -3.55 -3.03
CA ILE A 51 -3.39 -3.74 -1.97
C ILE A 51 -3.91 -4.73 -0.91
N CYS A 52 -2.98 -5.25 -0.11
CA CYS A 52 -3.24 -6.10 1.04
C CYS A 52 -3.52 -5.28 2.32
N ASP A 53 -4.16 -5.90 3.32
CA ASP A 53 -4.52 -5.24 4.57
C ASP A 53 -3.28 -4.78 5.39
N PHE A 54 -2.18 -5.52 5.30
CA PHE A 54 -0.91 -5.19 5.96
C PHE A 54 -0.40 -3.82 5.50
N HIS A 55 -0.44 -3.57 4.18
CA HIS A 55 -0.10 -2.26 3.62
C HIS A 55 -1.21 -1.22 3.86
N LYS A 56 -2.50 -1.62 3.84
CA LYS A 56 -3.63 -0.73 4.18
C LYS A 56 -3.44 -0.08 5.55
N ASN A 57 -3.03 -0.86 6.55
CA ASN A 57 -2.75 -0.34 7.90
C ASN A 57 -1.44 0.45 7.93
N PHE A 58 -0.37 0.00 7.27
CA PHE A 58 0.92 0.70 7.28
C PHE A 58 0.80 2.20 6.92
N ILE A 59 -0.03 2.53 5.93
CA ILE A 59 -0.25 3.92 5.48
C ILE A 59 -0.99 4.76 6.54
N GLN A 60 -1.80 4.13 7.40
CA GLN A 60 -2.50 4.78 8.52
C GLN A 60 -1.63 4.83 9.79
N SER A 61 -0.82 3.80 10.06
CA SER A 61 0.14 3.80 11.17
C SER A 61 1.11 4.98 11.07
N VAL A 62 1.63 5.27 9.87
CA VAL A 62 2.48 6.47 9.64
C VAL A 62 1.69 7.79 9.61
N ARG A 63 0.35 7.74 9.57
CA ARG A 63 -0.54 8.91 9.65
C ARG A 63 -0.68 9.41 11.10
N ASN A 64 -0.40 8.57 12.08
CA ASN A 64 -0.37 8.87 13.52
C ASN A 64 1.00 9.45 13.94
N LYS A 65 1.36 9.38 15.23
CA LYS A 65 2.67 9.79 15.76
C LYS A 65 3.03 9.00 17.03
N ARG A 66 4.19 8.34 17.03
CA ARG A 66 4.71 7.53 18.15
C ARG A 66 5.28 8.36 19.32
N LYS A 67 4.55 9.38 19.81
CA LYS A 67 4.93 10.17 21.00
C LYS A 67 3.73 10.40 21.93
N ARG A 68 4.01 10.45 23.23
CA ARG A 68 3.06 10.53 24.38
C ARG A 68 3.73 11.33 25.51
N LYS A 69 3.20 11.22 26.73
CA LYS A 69 3.73 11.79 27.99
C LYS A 69 3.65 10.70 29.07
N THR A 70 4.43 10.85 30.14
CA THR A 70 4.51 9.93 31.28
C THR A 70 3.15 9.61 31.90
ZN ZN B . 0.99 -5.31 0.26
N GLY A 1 -8.07 -15.11 -1.20
CA GLY A 1 -7.12 -15.98 -1.95
C GLY A 1 -6.01 -15.13 -2.52
N SER A 2 -5.08 -15.69 -3.32
CA SER A 2 -4.01 -14.93 -3.99
C SER A 2 -3.96 -15.21 -5.50
N TYR A 3 -5.14 -15.35 -6.11
CA TYR A 3 -5.33 -15.56 -7.55
C TYR A 3 -5.92 -14.27 -8.12
N GLY A 4 -5.05 -13.43 -8.70
CA GLY A 4 -5.38 -12.08 -9.22
C GLY A 4 -5.58 -11.01 -8.14
N GLN A 5 -6.33 -11.34 -7.09
CA GLN A 5 -6.55 -10.50 -5.91
C GLN A 5 -5.39 -10.64 -4.91
N SER A 6 -4.29 -9.98 -5.24
CA SER A 6 -3.09 -9.83 -4.42
C SER A 6 -2.63 -8.37 -4.44
N CYS A 7 -1.74 -8.01 -3.52
CA CYS A 7 -1.14 -6.70 -3.40
C CYS A 7 -0.40 -6.27 -4.70
N CYS A 8 0.02 -5.02 -4.74
CA CYS A 8 0.78 -4.45 -5.85
C CYS A 8 1.87 -3.47 -5.42
N LEU A 9 2.08 -3.33 -4.12
CA LEU A 9 3.15 -2.48 -3.60
C LEU A 9 4.52 -3.20 -3.61
N ILE A 10 5.56 -2.40 -3.42
CA ILE A 10 6.95 -2.81 -3.34
C ILE A 10 7.52 -1.98 -2.19
N GLU A 11 8.18 -2.61 -1.22
CA GLU A 11 8.79 -1.88 -0.09
C GLU A 11 10.27 -2.27 0.06
N ASP A 12 11.14 -1.28 -0.10
CA ASP A 12 12.61 -1.36 -0.20
C ASP A 12 13.11 -2.28 -1.35
N GLY A 13 12.18 -2.85 -2.12
CA GLY A 13 12.39 -3.78 -3.23
C GLY A 13 11.63 -5.10 -3.07
N GLU A 14 11.11 -5.40 -1.88
CA GLU A 14 10.27 -6.57 -1.64
C GLU A 14 8.88 -6.40 -2.28
N ARG A 15 8.64 -7.13 -3.39
CA ARG A 15 7.35 -7.21 -4.09
C ARG A 15 6.34 -7.93 -3.20
N CYS A 16 5.49 -7.16 -2.53
CA CYS A 16 4.43 -7.66 -1.69
C CYS A 16 3.47 -8.54 -2.52
N VAL A 17 3.34 -9.81 -2.13
CA VAL A 17 2.53 -10.85 -2.82
C VAL A 17 1.37 -11.35 -1.97
N ARG A 18 1.13 -10.67 -0.84
CA ARG A 18 0.01 -10.91 0.07
C ARG A 18 -1.35 -10.86 -0.64
N PRO A 19 -2.37 -11.58 -0.13
CA PRO A 19 -3.73 -11.51 -0.67
C PRO A 19 -4.27 -10.09 -0.50
N ALA A 20 -4.94 -9.56 -1.52
CA ALA A 20 -5.60 -8.26 -1.42
C ALA A 20 -6.88 -8.35 -0.59
N GLY A 21 -7.34 -7.20 -0.11
CA GLY A 21 -8.57 -7.06 0.67
C GLY A 21 -9.39 -5.85 0.25
N ASN A 22 -10.21 -5.31 1.15
CA ASN A 22 -11.05 -4.13 0.93
C ASN A 22 -10.22 -2.82 0.93
N ALA A 23 -9.16 -2.77 0.12
CA ALA A 23 -8.17 -1.69 0.04
C ALA A 23 -7.70 -1.44 -1.41
N SER A 24 -7.52 -0.17 -1.79
CA SER A 24 -6.99 0.19 -3.11
C SER A 24 -6.16 1.49 -3.10
N PHE A 25 -5.15 1.53 -3.95
CA PHE A 25 -4.18 2.64 -4.14
C PHE A 25 -4.75 3.85 -4.92
N SER A 26 -5.97 4.25 -4.57
CA SER A 26 -6.65 5.41 -5.16
C SER A 26 -5.88 6.73 -4.94
N LYS A 27 -6.13 7.75 -5.77
CA LYS A 27 -5.37 9.02 -5.74
C LYS A 27 -5.28 9.75 -4.40
N ARG A 28 -6.21 9.51 -3.46
CA ARG A 28 -6.16 10.05 -2.08
C ARG A 28 -5.01 9.43 -1.27
N VAL A 29 -4.71 8.14 -1.49
CA VAL A 29 -3.62 7.40 -0.85
C VAL A 29 -2.25 7.86 -1.35
N GLN A 30 -2.12 8.12 -2.65
CA GLN A 30 -0.89 8.64 -3.28
C GLN A 30 -0.35 9.91 -2.58
N LYS A 31 -1.24 10.90 -2.32
CA LYS A 31 -0.89 12.14 -1.60
C LYS A 31 -0.25 11.86 -0.23
N SER A 32 -0.85 10.96 0.54
CA SER A 32 -0.38 10.58 1.88
C SER A 32 1.05 10.07 1.85
N ILE A 33 1.33 9.07 1.00
CA ILE A 33 2.67 8.46 0.87
C ILE A 33 3.70 9.47 0.33
N SER A 34 3.31 10.28 -0.65
CA SER A 34 4.14 11.34 -1.24
C SER A 34 4.67 12.34 -0.20
N GLN A 35 3.80 12.83 0.68
CA GLN A 35 4.17 13.70 1.81
C GLN A 35 5.04 12.99 2.84
N LYS A 36 4.85 11.68 2.99
CA LYS A 36 5.53 10.83 3.99
C LYS A 36 6.89 10.30 3.53
N LYS A 37 7.24 10.45 2.24
CA LYS A 37 8.47 9.96 1.59
C LYS A 37 8.87 8.51 1.95
N LEU A 38 7.88 7.64 2.10
CA LEU A 38 8.05 6.20 2.28
C LEU A 38 8.56 5.56 0.98
N LYS A 39 9.29 4.45 1.08
CA LYS A 39 9.85 3.67 -0.05
C LYS A 39 8.83 2.70 -0.67
N LEU A 40 7.60 3.17 -0.88
CA LEU A 40 6.49 2.38 -1.43
C LEU A 40 6.33 2.67 -2.93
N ASP A 41 6.80 1.74 -3.79
CA ASP A 41 6.61 1.81 -5.24
C ASP A 41 5.47 0.85 -5.69
N ILE A 42 5.17 0.84 -6.99
CA ILE A 42 4.02 0.14 -7.58
C ILE A 42 4.47 -0.81 -8.68
N ASP A 43 4.04 -2.08 -8.63
CA ASP A 43 4.29 -3.01 -9.71
C ASP A 43 3.38 -2.73 -10.92
N LYS A 44 3.93 -2.02 -11.89
CA LYS A 44 3.28 -1.71 -13.17
C LYS A 44 2.86 -2.97 -13.97
N SER A 45 3.45 -4.15 -13.72
CA SER A 45 3.23 -5.38 -14.49
C SER A 45 1.79 -5.92 -14.41
N VAL A 46 1.10 -5.74 -13.29
CA VAL A 46 -0.28 -6.25 -13.09
C VAL A 46 -1.34 -5.20 -13.46
N ARG A 47 -0.94 -3.94 -13.74
CA ARG A 47 -1.82 -2.80 -14.11
C ARG A 47 -3.09 -2.68 -13.24
N HIS A 48 -3.00 -2.98 -11.93
CA HIS A 48 -4.11 -2.88 -10.98
C HIS A 48 -3.73 -2.05 -9.75
N LEU A 49 -4.72 -1.62 -8.95
CA LEU A 49 -4.53 -0.72 -7.81
C LEU A 49 -4.98 -1.36 -6.48
N TYR A 50 -4.89 -2.68 -6.37
CA TYR A 50 -5.19 -3.40 -5.13
C TYR A 50 -3.96 -3.47 -4.21
N ILE A 51 -4.21 -3.54 -2.90
CA ILE A 51 -3.19 -3.70 -1.85
C ILE A 51 -3.71 -4.66 -0.78
N CYS A 52 -2.82 -5.29 -0.03
CA CYS A 52 -3.18 -6.13 1.11
C CYS A 52 -3.57 -5.31 2.37
N ASP A 53 -4.35 -5.91 3.29
CA ASP A 53 -4.73 -5.25 4.55
C ASP A 53 -3.52 -4.89 5.44
N PHE A 54 -2.39 -5.59 5.29
CA PHE A 54 -1.12 -5.30 5.98
C PHE A 54 -0.58 -3.92 5.54
N HIS A 55 -0.53 -3.68 4.24
CA HIS A 55 -0.14 -2.38 3.67
C HIS A 55 -1.20 -1.30 3.89
N LYS A 56 -2.49 -1.64 3.83
CA LYS A 56 -3.60 -0.72 4.16
C LYS A 56 -3.39 -0.13 5.54
N ASN A 57 -3.08 -0.96 6.54
CA ASN A 57 -2.79 -0.48 7.90
C ASN A 57 -1.50 0.34 7.94
N PHE A 58 -0.40 -0.11 7.31
CA PHE A 58 0.89 0.62 7.32
C PHE A 58 0.76 2.10 6.95
N ILE A 59 0.01 2.41 5.88
CA ILE A 59 -0.12 3.79 5.43
C ILE A 59 -0.84 4.67 6.48
N GLN A 60 -1.79 4.10 7.24
CA GLN A 60 -2.48 4.79 8.32
C GLN A 60 -1.61 4.85 9.59
N SER A 61 -0.96 3.75 9.96
CA SER A 61 -0.02 3.68 11.08
C SER A 61 1.02 4.81 11.02
N VAL A 62 1.74 4.93 9.89
CA VAL A 62 2.74 5.99 9.66
C VAL A 62 2.10 7.37 9.37
N ARG A 63 0.77 7.49 9.19
CA ARG A 63 0.12 8.81 9.05
C ARG A 63 0.03 9.52 10.39
N ASN A 64 -0.01 8.76 11.49
CA ASN A 64 -0.16 9.23 12.86
C ASN A 64 1.15 9.74 13.49
N LYS A 65 1.03 10.43 14.63
CA LYS A 65 2.16 11.02 15.36
C LYS A 65 2.87 10.00 16.28
N ARG A 66 3.24 8.83 15.75
CA ARG A 66 3.82 7.72 16.54
C ARG A 66 5.21 8.10 17.07
N LYS A 67 5.57 7.68 18.29
CA LYS A 67 6.88 7.90 18.96
C LYS A 67 8.06 7.07 18.37
N ARG A 68 8.02 6.85 17.05
CA ARG A 68 8.99 6.18 16.17
C ARG A 68 8.87 6.84 14.80
N LYS A 69 9.97 7.41 14.30
CA LYS A 69 10.07 8.03 12.96
C LYS A 69 11.18 7.39 12.11
N THR A 70 11.70 6.27 12.58
CA THR A 70 12.84 5.50 12.05
C THR A 70 12.72 4.07 12.59
ZN ZN B . 1.10 -5.46 0.53
N GLY A 1 -11.24 -19.34 -2.63
CA GLY A 1 -10.02 -18.51 -2.68
C GLY A 1 -9.84 -18.04 -4.10
N SER A 2 -9.42 -16.79 -4.31
CA SER A 2 -9.36 -16.18 -5.66
C SER A 2 -8.10 -15.33 -5.85
N TYR A 3 -7.04 -15.91 -6.40
CA TYR A 3 -5.71 -15.30 -6.56
C TYR A 3 -5.63 -13.97 -7.36
N GLY A 4 -6.71 -13.59 -8.05
CA GLY A 4 -6.84 -12.29 -8.74
C GLY A 4 -6.83 -11.08 -7.80
N GLN A 5 -7.13 -11.29 -6.52
CA GLN A 5 -7.15 -10.26 -5.47
C GLN A 5 -5.89 -10.37 -4.60
N SER A 6 -4.81 -9.78 -5.10
CA SER A 6 -3.52 -9.63 -4.45
C SER A 6 -3.05 -8.16 -4.54
N CYS A 7 -2.14 -7.76 -3.65
CA CYS A 7 -1.52 -6.44 -3.60
C CYS A 7 -0.86 -6.05 -4.95
N CYS A 8 -0.38 -4.81 -5.03
CA CYS A 8 0.32 -4.28 -6.20
C CYS A 8 1.50 -3.36 -5.84
N LEU A 9 1.74 -3.16 -4.53
CA LEU A 9 2.89 -2.42 -4.04
C LEU A 9 4.19 -3.22 -4.20
N ILE A 10 5.31 -2.54 -3.97
CA ILE A 10 6.67 -3.05 -3.94
C ILE A 10 7.34 -2.35 -2.76
N GLU A 11 8.20 -3.03 -2.00
CA GLU A 11 8.94 -2.42 -0.89
C GLU A 11 10.41 -2.85 -0.91
N ASP A 12 11.30 -1.86 -1.05
CA ASP A 12 12.76 -1.97 -1.26
C ASP A 12 13.16 -2.67 -2.59
N GLY A 13 12.20 -3.36 -3.20
CA GLY A 13 12.28 -4.10 -4.47
C GLY A 13 11.47 -5.40 -4.43
N GLU A 14 11.14 -5.89 -3.24
CA GLU A 14 10.27 -7.05 -3.05
C GLU A 14 8.84 -6.70 -3.53
N ARG A 15 8.27 -7.50 -4.45
CA ARG A 15 6.94 -7.24 -5.01
C ARG A 15 5.90 -7.83 -4.06
N CYS A 16 5.13 -6.99 -3.38
CA CYS A 16 4.08 -7.44 -2.47
C CYS A 16 3.10 -8.39 -3.20
N VAL A 17 2.92 -9.58 -2.64
CA VAL A 17 2.00 -10.63 -3.15
C VAL A 17 0.94 -11.03 -2.13
N ARG A 18 0.90 -10.35 -0.97
CA ARG A 18 -0.13 -10.58 0.05
C ARG A 18 -1.55 -10.45 -0.55
N PRO A 19 -2.55 -11.20 -0.02
CA PRO A 19 -3.92 -11.13 -0.50
C PRO A 19 -4.48 -9.72 -0.29
N ALA A 20 -5.14 -9.16 -1.31
CA ALA A 20 -5.75 -7.85 -1.22
C ALA A 20 -6.91 -7.84 -0.20
N GLY A 21 -7.22 -6.66 0.33
CA GLY A 21 -8.31 -6.46 1.28
C GLY A 21 -9.27 -5.35 0.84
N ASN A 22 -10.05 -4.85 1.79
CA ASN A 22 -10.98 -3.72 1.63
C ASN A 22 -10.24 -2.36 1.45
N ALA A 23 -9.20 -2.32 0.61
CA ALA A 23 -8.31 -1.19 0.42
C ALA A 23 -7.96 -0.97 -1.07
N SER A 24 -7.74 0.29 -1.46
CA SER A 24 -7.26 0.64 -2.80
C SER A 24 -6.28 1.83 -2.77
N PHE A 25 -5.52 2.00 -3.85
CA PHE A 25 -4.42 2.95 -4.00
C PHE A 25 -4.78 4.22 -4.80
N SER A 26 -5.89 4.88 -4.46
CA SER A 26 -6.27 6.16 -5.10
C SER A 26 -5.33 7.32 -4.75
N LYS A 27 -5.49 8.46 -5.44
CA LYS A 27 -4.79 9.75 -5.26
C LYS A 27 -4.62 10.19 -3.79
N ARG A 28 -5.63 9.90 -2.96
CA ARG A 28 -5.66 10.17 -1.51
C ARG A 28 -4.55 9.42 -0.75
N VAL A 29 -4.31 8.17 -1.12
CA VAL A 29 -3.31 7.27 -0.53
C VAL A 29 -1.93 7.61 -1.09
N GLN A 30 -1.84 7.78 -2.42
CA GLN A 30 -0.64 8.23 -3.13
C GLN A 30 -0.03 9.48 -2.47
N LYS A 31 -0.85 10.51 -2.17
CA LYS A 31 -0.38 11.72 -1.47
C LYS A 31 0.10 11.49 -0.03
N SER A 32 -0.61 10.67 0.75
CA SER A 32 -0.15 10.30 2.12
C SER A 32 1.24 9.66 2.14
N ILE A 33 1.58 8.88 1.10
CA ILE A 33 2.87 8.22 0.95
C ILE A 33 3.91 9.20 0.37
N SER A 34 3.52 9.99 -0.62
CA SER A 34 4.35 11.04 -1.25
C SER A 34 4.91 12.03 -0.22
N GLN A 35 4.08 12.52 0.70
CA GLN A 35 4.51 13.38 1.82
C GLN A 35 5.45 12.68 2.83
N LYS A 36 5.62 11.35 2.72
CA LYS A 36 6.40 10.49 3.65
C LYS A 36 7.63 9.85 2.99
N LYS A 37 7.74 9.91 1.66
CA LYS A 37 8.88 9.42 0.85
C LYS A 37 9.31 7.97 1.18
N LEU A 38 8.33 7.11 1.48
CA LEU A 38 8.52 5.67 1.72
C LEU A 38 8.96 4.96 0.42
N LYS A 39 9.64 3.82 0.53
CA LYS A 39 10.05 2.98 -0.63
C LYS A 39 8.90 2.13 -1.22
N LEU A 40 7.66 2.62 -1.16
CA LEU A 40 6.48 1.92 -1.65
C LEU A 40 6.28 2.21 -3.15
N ASP A 41 6.88 1.39 -4.02
CA ASP A 41 6.77 1.51 -5.48
C ASP A 41 5.52 0.77 -6.01
N ILE A 42 5.24 0.88 -7.31
CA ILE A 42 4.01 0.36 -7.93
C ILE A 42 4.29 -0.56 -9.12
N ASP A 43 3.81 -1.81 -9.01
CA ASP A 43 3.87 -2.75 -10.12
C ASP A 43 2.91 -2.32 -11.26
N LYS A 44 3.43 -2.23 -12.49
CA LYS A 44 2.62 -1.95 -13.68
C LYS A 44 2.04 -3.19 -14.34
N SER A 45 2.49 -4.40 -14.01
CA SER A 45 2.11 -5.67 -14.66
C SER A 45 0.59 -5.90 -14.68
N VAL A 46 -0.09 -5.61 -13.56
CA VAL A 46 -1.55 -5.86 -13.40
C VAL A 46 -2.39 -4.58 -13.55
N ARG A 47 -1.76 -3.39 -13.63
CA ARG A 47 -2.36 -2.04 -13.68
C ARG A 47 -3.55 -1.76 -12.72
N HIS A 48 -3.78 -2.60 -11.70
CA HIS A 48 -4.90 -2.47 -10.75
C HIS A 48 -4.48 -1.65 -9.52
N LEU A 49 -5.45 -1.05 -8.81
CA LEU A 49 -5.18 -0.19 -7.65
C LEU A 49 -5.50 -0.89 -6.32
N TYR A 50 -5.18 -2.18 -6.19
CA TYR A 50 -5.46 -2.97 -4.96
C TYR A 50 -4.21 -3.14 -4.09
N ILE A 51 -4.43 -3.21 -2.78
CA ILE A 51 -3.39 -3.44 -1.77
C ILE A 51 -3.87 -4.39 -0.65
N CYS A 52 -2.93 -5.06 0.00
CA CYS A 52 -3.17 -5.91 1.17
C CYS A 52 -3.43 -5.12 2.46
N ASP A 53 -4.12 -5.73 3.44
CA ASP A 53 -4.42 -5.04 4.71
C ASP A 53 -3.13 -4.66 5.47
N PHE A 54 -2.07 -5.47 5.34
CA PHE A 54 -0.74 -5.21 5.91
C PHE A 54 -0.20 -3.85 5.45
N HIS A 55 -0.27 -3.58 4.14
CA HIS A 55 0.11 -2.28 3.57
C HIS A 55 -0.92 -1.19 3.88
N LYS A 56 -2.22 -1.50 3.90
CA LYS A 56 -3.26 -0.54 4.30
C LYS A 56 -2.99 0.01 5.71
N ASN A 57 -2.64 -0.86 6.67
CA ASN A 57 -2.31 -0.44 8.03
C ASN A 57 -1.04 0.42 8.07
N PHE A 58 0.04 0.04 7.37
CA PHE A 58 1.28 0.82 7.28
C PHE A 58 1.01 2.28 6.86
N ILE A 59 0.22 2.49 5.80
CA ILE A 59 -0.12 3.82 5.27
C ILE A 59 -1.16 4.55 6.15
N GLN A 60 -1.91 3.84 7.00
CA GLN A 60 -2.84 4.45 7.97
C GLN A 60 -2.13 4.80 9.30
N SER A 61 -1.11 4.04 9.70
CA SER A 61 -0.30 4.23 10.92
C SER A 61 0.36 5.62 10.98
N VAL A 62 0.80 6.15 9.82
CA VAL A 62 1.44 7.48 9.68
C VAL A 62 0.61 8.66 10.25
N ARG A 63 -0.68 8.43 10.51
CA ARG A 63 -1.57 9.39 11.19
C ARG A 63 -1.16 9.64 12.64
N ASN A 64 -0.54 8.67 13.32
CA ASN A 64 -0.11 8.69 14.72
C ASN A 64 -1.12 9.28 15.74
N LYS A 65 -2.43 9.18 15.47
CA LYS A 65 -3.47 9.82 16.29
C LYS A 65 -4.64 8.93 16.70
N ARG A 66 -4.97 7.91 15.90
CA ARG A 66 -6.10 6.97 16.15
C ARG A 66 -5.72 5.53 15.80
N LYS A 67 -4.84 4.96 16.62
CA LYS A 67 -4.27 3.60 16.49
C LYS A 67 -4.43 2.85 17.82
N ARG A 68 -4.56 1.52 17.78
CA ARG A 68 -4.78 0.68 18.98
C ARG A 68 -3.70 0.93 20.05
N LYS A 69 -4.12 1.26 21.27
CA LYS A 69 -3.22 1.40 22.43
C LYS A 69 -2.76 0.01 22.91
N THR A 70 -1.71 -0.03 23.74
CA THR A 70 -1.25 -1.29 24.38
C THR A 70 -2.34 -1.90 25.26
ZN ZN B . 1.05 -5.26 0.15
N GLY A 1 -12.83 -20.32 -12.73
CA GLY A 1 -11.94 -19.33 -13.38
C GLY A 1 -10.97 -18.79 -12.35
N SER A 2 -9.90 -18.13 -12.79
CA SER A 2 -8.78 -17.62 -11.99
C SER A 2 -9.12 -16.43 -11.07
N TYR A 3 -10.14 -16.55 -10.21
CA TYR A 3 -10.51 -15.52 -9.24
C TYR A 3 -9.60 -15.53 -8.00
N GLY A 4 -9.22 -14.34 -7.55
CA GLY A 4 -8.38 -14.06 -6.40
C GLY A 4 -7.90 -12.60 -6.51
N GLN A 5 -7.43 -12.05 -5.42
CA GLN A 5 -6.81 -10.71 -5.35
C GLN A 5 -5.61 -10.72 -4.39
N SER A 6 -4.61 -9.93 -4.74
CA SER A 6 -3.32 -9.83 -4.06
C SER A 6 -2.73 -8.42 -4.21
N CYS A 7 -1.83 -8.07 -3.28
CA CYS A 7 -1.14 -6.80 -3.24
C CYS A 7 -0.41 -6.46 -4.55
N CYS A 8 -0.19 -5.16 -4.76
CA CYS A 8 0.50 -4.62 -5.94
C CYS A 8 1.62 -3.64 -5.59
N LEU A 9 1.84 -3.44 -4.29
CA LEU A 9 2.93 -2.63 -3.78
C LEU A 9 4.25 -3.44 -3.85
N ILE A 10 5.33 -2.68 -3.82
CA ILE A 10 6.70 -3.14 -3.75
C ILE A 10 7.31 -2.36 -2.58
N GLU A 11 8.13 -3.00 -1.75
CA GLU A 11 8.83 -2.28 -0.68
C GLU A 11 10.29 -2.74 -0.59
N ASP A 12 11.20 -1.77 -0.67
CA ASP A 12 12.67 -1.94 -0.76
C ASP A 12 13.14 -2.77 -1.99
N GLY A 13 12.19 -3.24 -2.80
CA GLY A 13 12.38 -4.09 -3.97
C GLY A 13 11.66 -5.44 -3.87
N GLU A 14 11.27 -5.86 -2.66
CA GLU A 14 10.47 -7.07 -2.43
C GLU A 14 9.07 -6.85 -3.02
N ARG A 15 8.52 -7.88 -3.68
CA ARG A 15 7.17 -7.84 -4.22
C ARG A 15 6.17 -8.38 -3.21
N CYS A 16 5.41 -7.48 -2.61
CA CYS A 16 4.33 -7.83 -1.72
C CYS A 16 3.27 -8.66 -2.48
N VAL A 17 2.95 -9.83 -1.90
CA VAL A 17 2.06 -10.86 -2.47
C VAL A 17 0.97 -11.30 -1.47
N ARG A 18 0.84 -10.59 -0.35
CA ARG A 18 -0.22 -10.83 0.64
C ARG A 18 -1.63 -10.66 0.01
N PRO A 19 -2.65 -11.40 0.51
CA PRO A 19 -4.00 -11.36 -0.05
C PRO A 19 -4.64 -9.98 0.12
N ALA A 20 -5.21 -9.45 -0.96
CA ALA A 20 -5.82 -8.13 -0.95
C ALA A 20 -7.29 -8.20 -0.52
N GLY A 21 -7.54 -8.00 0.78
CA GLY A 21 -8.87 -8.08 1.39
C GLY A 21 -9.32 -6.73 1.94
N ASN A 22 -10.39 -6.18 1.38
CA ASN A 22 -10.97 -4.88 1.76
C ASN A 22 -9.93 -3.72 1.79
N ALA A 23 -9.04 -3.68 0.79
CA ALA A 23 -8.02 -2.64 0.64
C ALA A 23 -7.63 -2.40 -0.83
N SER A 24 -7.53 -1.13 -1.22
CA SER A 24 -7.17 -0.68 -2.57
C SER A 24 -6.45 0.67 -2.54
N PHE A 25 -5.59 0.91 -3.54
CA PHE A 25 -4.70 2.06 -3.69
C PHE A 25 -5.35 3.18 -4.51
N SER A 26 -6.26 3.95 -3.90
CA SER A 26 -6.86 5.11 -4.56
C SER A 26 -5.83 6.25 -4.72
N LYS A 27 -6.01 7.09 -5.74
CA LYS A 27 -5.14 8.25 -6.01
C LYS A 27 -4.97 9.20 -4.82
N ARG A 28 -5.87 9.19 -3.82
CA ARG A 28 -5.73 9.98 -2.59
C ARG A 28 -4.59 9.48 -1.69
N VAL A 29 -4.33 8.17 -1.70
CA VAL A 29 -3.32 7.48 -0.88
C VAL A 29 -1.89 7.92 -1.26
N GLN A 30 -1.61 8.10 -2.55
CA GLN A 30 -0.33 8.62 -3.06
C GLN A 30 0.13 9.92 -2.37
N LYS A 31 -0.80 10.84 -2.04
CA LYS A 31 -0.47 12.09 -1.32
C LYS A 31 0.06 11.83 0.09
N SER A 32 -0.44 10.79 0.77
CA SER A 32 0.03 10.43 2.11
C SER A 32 1.48 9.94 2.06
N ILE A 33 1.75 9.00 1.14
CA ILE A 33 3.07 8.40 0.90
C ILE A 33 4.09 9.45 0.44
N SER A 34 3.69 10.34 -0.48
CA SER A 34 4.48 11.49 -0.94
C SER A 34 4.98 12.35 0.23
N GLN A 35 4.07 12.68 1.15
CA GLN A 35 4.33 13.41 2.39
C GLN A 35 5.04 12.57 3.48
N LYS A 36 5.55 11.38 3.13
CA LYS A 36 6.36 10.48 3.99
C LYS A 36 7.65 10.00 3.32
N LYS A 37 7.76 10.11 1.99
CA LYS A 37 8.86 9.64 1.13
C LYS A 37 9.28 8.17 1.38
N LEU A 38 8.29 7.33 1.67
CA LEU A 38 8.45 5.86 1.83
C LEU A 38 8.91 5.19 0.53
N LYS A 39 9.54 4.02 0.67
CA LYS A 39 10.06 3.16 -0.40
C LYS A 39 8.98 2.31 -1.10
N LEU A 40 7.75 2.83 -1.21
CA LEU A 40 6.61 2.09 -1.76
C LEU A 40 6.41 2.41 -3.25
N ASP A 41 6.56 1.41 -4.12
CA ASP A 41 6.33 1.51 -5.58
C ASP A 41 5.14 0.66 -6.03
N ILE A 42 4.69 0.87 -7.29
CA ILE A 42 3.52 0.24 -7.90
C ILE A 42 3.87 -0.53 -9.18
N ASP A 43 3.68 -1.85 -9.09
CA ASP A 43 3.79 -2.75 -10.24
C ASP A 43 2.70 -2.39 -11.28
N LYS A 44 3.14 -1.91 -12.43
CA LYS A 44 2.24 -1.56 -13.54
C LYS A 44 1.90 -2.75 -14.44
N SER A 45 2.56 -3.90 -14.30
CA SER A 45 2.33 -5.10 -15.13
C SER A 45 0.91 -5.64 -14.99
N VAL A 46 0.41 -5.79 -13.76
CA VAL A 46 -0.95 -6.31 -13.48
C VAL A 46 -2.03 -5.21 -13.58
N ARG A 47 -1.63 -3.94 -13.79
CA ARG A 47 -2.51 -2.77 -14.03
C ARG A 47 -3.63 -2.54 -12.99
N HIS A 48 -3.62 -3.21 -11.82
CA HIS A 48 -4.68 -3.16 -10.80
C HIS A 48 -4.27 -2.37 -9.55
N LEU A 49 -5.25 -1.88 -8.79
CA LEU A 49 -5.02 -1.00 -7.62
C LEU A 49 -5.39 -1.70 -6.30
N TYR A 50 -5.06 -2.98 -6.16
CA TYR A 50 -5.28 -3.71 -4.91
C TYR A 50 -4.01 -3.75 -4.05
N ILE A 51 -4.21 -3.80 -2.73
CA ILE A 51 -3.15 -3.90 -1.70
C ILE A 51 -3.59 -4.87 -0.59
N CYS A 52 -2.65 -5.40 0.19
CA CYS A 52 -2.95 -6.23 1.35
C CYS A 52 -3.41 -5.45 2.60
N ASP A 53 -3.97 -6.18 3.57
CA ASP A 53 -4.40 -5.63 4.86
C ASP A 53 -3.23 -5.02 5.66
N PHE A 54 -2.05 -5.65 5.56
CA PHE A 54 -0.79 -5.28 6.19
C PHE A 54 -0.31 -3.92 5.66
N HIS A 55 -0.21 -3.77 4.34
CA HIS A 55 0.13 -2.48 3.72
C HIS A 55 -0.94 -1.41 3.95
N LYS A 56 -2.23 -1.78 3.99
CA LYS A 56 -3.31 -0.85 4.36
C LYS A 56 -3.03 -0.23 5.73
N ASN A 57 -2.65 -1.05 6.72
CA ASN A 57 -2.33 -0.51 8.04
C ASN A 57 -0.99 0.25 8.08
N PHE A 58 -0.01 -0.08 7.24
CA PHE A 58 1.26 0.68 7.16
C PHE A 58 1.02 2.13 6.74
N ILE A 59 0.30 2.35 5.62
CA ILE A 59 0.03 3.71 5.12
C ILE A 59 -0.94 4.48 6.02
N GLN A 60 -1.81 3.80 6.77
CA GLN A 60 -2.69 4.44 7.76
C GLN A 60 -1.97 4.77 9.08
N SER A 61 -0.98 3.98 9.48
CA SER A 61 -0.18 4.23 10.69
C SER A 61 0.57 5.58 10.65
N VAL A 62 0.68 6.22 9.48
CA VAL A 62 1.26 7.57 9.31
C VAL A 62 0.41 8.68 9.95
N ARG A 63 -0.83 8.36 10.36
CA ARG A 63 -1.74 9.25 11.11
C ARG A 63 -1.25 9.53 12.53
N ASN A 64 -0.53 8.59 13.14
CA ASN A 64 -0.09 8.69 14.54
C ASN A 64 0.94 9.80 14.77
N LYS A 65 1.23 10.05 16.05
CA LYS A 65 2.27 10.96 16.52
C LYS A 65 3.59 10.79 15.76
N ARG A 66 4.01 11.85 15.08
CA ARG A 66 5.29 11.97 14.36
C ARG A 66 6.46 12.01 15.37
N LYS A 67 7.69 11.75 14.93
CA LYS A 67 8.91 11.78 15.79
C LYS A 67 10.02 12.66 15.21
N ARG A 68 9.67 13.70 14.43
CA ARG A 68 10.63 14.60 13.76
C ARG A 68 11.45 15.45 14.75
N LYS A 69 10.77 16.09 15.70
CA LYS A 69 11.31 16.93 16.79
C LYS A 69 10.14 17.34 17.71
N THR A 70 10.45 17.77 18.93
CA THR A 70 9.51 18.33 19.91
C THR A 70 10.17 19.48 20.70
ZN ZN B . 1.24 -5.40 0.54
#